data_8GW3
#
_entry.id   8GW3
#
_cell.length_a   64.814
_cell.length_b   196.460
_cell.length_c   72.415
_cell.angle_alpha   90.000
_cell.angle_beta   115.240
_cell.angle_gamma   90.000
#
_symmetry.space_group_name_H-M   'P 1 21 1'
#
loop_
_entity.id
_entity.type
_entity.pdbx_description
1 polymer 'Mitogen-activated protein kinase kinase kinase 7, TGF-beta-activated kinase 1 and MAP3K7-binding protein 1'
2 water water
#
_entity_poly.entity_id   1
_entity_poly.type   'polypeptide(L)'
_entity_poly.pdbx_seq_one_letter_code
;AGEMIEAPSQVLNFEEIDYKEIEVEEVVGRGAFGVVCKAKWRAKDVAIKQIESESERKAFIVELRQLSRVNHPNIVKLYG
ACLNPVCLVMEYAEGGSLYNVLHGAEPLPYYTAAHAMSWCLQCSQGVAYLHSMQPKALIHRDLKPPNLLLVAGGTVLKIC
DFGTACDIQTHMTNNKGSAAWMAPEVFEGSNYSEKCDVFSWGIILWEVITRRKPFDEIGGPAFRIMWAVHNGTRPPLIKN
LPKPIESLMTRCWSKDPSQRPSMEEIVKIMTHLMRYFPGADEPLQYPCQHSLPPGEDGRVEPYVDFAEFYRLWSVDHGEQ
SVVTAP
;
_entity_poly.pdbx_strand_id   A,B,C,D
#
# COMPACT_ATOMS: atom_id res chain seq x y z
N ASN A 13 17.08 6.12 17.81
CA ASN A 13 17.35 6.64 16.47
C ASN A 13 16.66 5.84 15.34
N PHE A 14 15.53 6.35 14.85
CA PHE A 14 14.76 5.71 13.78
C PHE A 14 15.29 6.15 12.42
N GLU A 15 15.63 5.19 11.57
CA GLU A 15 16.36 5.44 10.33
C GLU A 15 15.55 5.11 9.08
N GLU A 16 15.99 5.65 7.96
CA GLU A 16 15.49 5.28 6.64
C GLU A 16 16.46 4.25 6.06
N ILE A 17 16.04 2.97 6.03
CA ILE A 17 16.93 1.83 5.78
C ILE A 17 16.90 1.47 4.31
N ASP A 18 18.07 1.11 3.77
CA ASP A 18 18.16 0.53 2.45
C ASP A 18 17.87 -0.96 2.50
N TYR A 19 16.97 -1.43 1.62
CA TYR A 19 16.58 -2.83 1.66
C TYR A 19 17.77 -3.75 1.39
N LYS A 20 18.77 -3.27 0.66
CA LYS A 20 19.96 -4.10 0.44
C LYS A 20 20.62 -4.47 1.75
N GLU A 21 20.49 -3.62 2.78
CA GLU A 21 21.12 -3.94 4.06
C GLU A 21 20.39 -5.04 4.83
N ILE A 22 19.35 -5.66 4.26
CA ILE A 22 18.53 -6.65 4.95
C ILE A 22 18.83 -8.03 4.38
N GLU A 23 19.01 -9.01 5.27
CA GLU A 23 19.19 -10.40 4.86
C GLU A 23 18.04 -11.19 5.47
N VAL A 24 17.12 -11.66 4.62
CA VAL A 24 15.88 -12.30 5.09
C VAL A 24 16.13 -13.78 5.39
N GLU A 25 15.67 -14.23 6.57
CA GLU A 25 15.96 -15.58 7.07
C GLU A 25 14.94 -16.62 6.61
N GLU A 26 13.69 -16.49 7.08
CA GLU A 26 12.63 -17.42 6.71
C GLU A 26 11.31 -16.68 6.63
N VAL A 27 10.46 -17.10 5.69
CA VAL A 27 9.12 -16.55 5.58
C VAL A 27 8.17 -17.16 6.59
N VAL A 28 8.52 -18.32 7.15
CA VAL A 28 7.68 -19.04 8.09
C VAL A 28 8.25 -18.87 9.50
N GLY A 29 7.40 -18.46 10.43
CA GLY A 29 7.84 -18.21 11.79
C GLY A 29 6.70 -17.73 12.65
N ARG A 30 7.01 -16.88 13.65
CA ARG A 30 6.02 -16.49 14.63
C ARG A 30 5.03 -15.43 14.12
N GLY A 31 5.40 -14.65 13.09
CA GLY A 31 4.61 -13.50 12.69
C GLY A 31 3.61 -13.79 11.59
N ALA A 32 2.84 -12.73 11.26
CA ALA A 32 1.81 -12.79 10.23
C ALA A 32 2.40 -13.21 8.89
N PHE A 33 2.12 -14.46 8.50
CA PHE A 33 2.70 -15.02 7.29
C PHE A 33 2.30 -14.21 6.06
N GLY A 34 3.28 -13.89 5.20
CA GLY A 34 3.05 -13.10 4.01
C GLY A 34 3.12 -11.61 4.22
N VAL A 35 3.13 -11.15 5.46
CA VAL A 35 3.38 -9.75 5.81
C VAL A 35 4.70 -9.59 6.57
N VAL A 36 4.93 -10.39 7.60
CA VAL A 36 6.07 -10.23 8.51
C VAL A 36 7.06 -11.37 8.32
N CYS A 37 8.34 -11.01 8.14
CA CYS A 37 9.46 -11.95 8.00
C CYS A 37 10.49 -11.68 9.08
N LYS A 38 11.20 -12.72 9.52
CA LYS A 38 12.34 -12.53 10.41
C LYS A 38 13.58 -12.41 9.54
N ALA A 39 14.36 -11.35 9.77
CA ALA A 39 15.57 -11.08 9.01
C ALA A 39 16.64 -10.53 9.95
N LYS A 40 17.80 -10.23 9.38
CA LYS A 40 18.89 -9.58 10.11
C LYS A 40 19.29 -8.29 9.38
N TRP A 41 19.61 -7.27 10.17
CA TRP A 41 20.02 -5.98 9.62
C TRP A 41 21.03 -5.34 10.57
N ARG A 42 22.10 -4.81 9.98
CA ARG A 42 23.33 -4.48 10.71
C ARG A 42 23.74 -5.80 11.35
N ALA A 43 23.91 -5.87 12.67
CA ALA A 43 24.11 -7.15 13.33
C ALA A 43 22.86 -7.64 14.04
N LYS A 44 21.82 -6.82 14.07
CA LYS A 44 20.67 -7.08 14.92
C LYS A 44 19.67 -8.01 14.21
N ASP A 45 18.92 -8.76 15.02
CA ASP A 45 17.76 -9.51 14.56
C ASP A 45 16.53 -8.60 14.48
N VAL A 46 15.83 -8.62 13.35
CA VAL A 46 14.71 -7.72 13.11
C VAL A 46 13.54 -8.48 12.50
N ALA A 47 12.38 -7.84 12.54
CA ALA A 47 11.19 -8.29 11.85
C ALA A 47 10.83 -7.26 10.79
N ILE A 48 10.68 -7.71 9.56
CA ILE A 48 10.36 -6.85 8.43
C ILE A 48 8.88 -7.06 8.11
N LYS A 49 8.09 -5.99 8.21
CA LYS A 49 6.68 -6.02 7.82
C LYS A 49 6.50 -5.26 6.52
N GLN A 50 6.20 -5.98 5.44
CA GLN A 50 5.92 -5.30 4.17
C GLN A 50 4.56 -4.63 4.21
N ILE A 51 4.48 -3.43 3.67
CA ILE A 51 3.22 -2.70 3.59
C ILE A 51 2.68 -2.94 2.18
N GLU A 52 1.49 -3.52 2.09
CA GLU A 52 1.07 -4.14 0.85
C GLU A 52 0.41 -3.20 -0.14
N SER A 53 -0.86 -2.84 0.08
CA SER A 53 -1.64 -2.11 -0.90
C SER A 53 -1.21 -0.65 -0.95
N GLU A 54 -1.70 0.09 -1.95
CA GLU A 54 -1.33 1.49 -2.07
C GLU A 54 -1.99 2.34 -1.01
N SER A 55 -3.25 2.05 -0.67
CA SER A 55 -3.89 2.79 0.42
C SER A 55 -3.05 2.71 1.70
N GLU A 56 -2.57 1.49 2.01
CA GLU A 56 -1.80 1.27 3.23
C GLU A 56 -0.45 1.96 3.13
N ARG A 57 0.20 1.88 1.97
CA ARG A 57 1.48 2.56 1.81
C ARG A 57 1.34 4.06 2.01
N LYS A 58 0.32 4.68 1.42
CA LYS A 58 0.15 6.12 1.58
C LYS A 58 0.00 6.50 3.04
N ALA A 59 -0.93 5.83 3.75
CA ALA A 59 -1.13 6.17 5.15
C ALA A 59 0.09 5.87 6.00
N PHE A 60 0.86 4.84 5.63
CA PHE A 60 2.04 4.45 6.40
C PHE A 60 3.15 5.46 6.25
N ILE A 61 3.46 5.86 5.01
CA ILE A 61 4.53 6.81 4.77
C ILE A 61 4.22 8.15 5.44
N VAL A 62 2.96 8.58 5.40
CA VAL A 62 2.66 9.87 6.02
C VAL A 62 3.01 9.85 7.51
N GLU A 63 2.81 8.72 8.18
CA GLU A 63 2.98 8.65 9.62
C GLU A 63 4.34 8.10 10.08
N LEU A 64 5.32 7.96 9.18
CA LEU A 64 6.66 7.53 9.60
C LEU A 64 7.25 8.39 10.73
N ARG A 65 6.99 9.70 10.72
CA ARG A 65 7.52 10.56 11.78
C ARG A 65 6.98 10.16 13.15
N GLN A 66 5.66 10.00 13.25
CA GLN A 66 5.08 9.53 14.51
C GLN A 66 5.69 8.21 14.91
N LEU A 67 5.86 7.31 13.95
CA LEU A 67 6.40 6.01 14.32
C LEU A 67 7.81 6.16 14.88
N SER A 68 8.60 7.05 14.27
CA SER A 68 9.96 7.31 14.72
C SER A 68 9.97 7.89 16.13
N ARG A 69 8.87 8.48 16.57
CA ARG A 69 8.82 9.01 17.92
C ARG A 69 8.28 8.01 18.94
N VAL A 70 7.91 6.79 18.55
CA VAL A 70 7.29 5.85 19.50
C VAL A 70 8.36 5.27 20.42
N ASN A 71 8.15 5.37 21.74
CA ASN A 71 9.08 4.78 22.68
C ASN A 71 8.31 4.49 23.96
N HIS A 72 8.20 3.21 24.30
CA HIS A 72 7.32 2.82 25.40
C HIS A 72 7.61 1.39 25.83
N PRO A 73 7.51 1.09 27.14
CA PRO A 73 7.90 -0.24 27.61
C PRO A 73 7.04 -1.37 27.08
N ASN A 74 5.82 -1.09 26.62
CA ASN A 74 4.96 -2.13 26.09
C ASN A 74 4.85 -2.12 24.56
N ILE A 75 5.87 -1.63 23.87
CA ILE A 75 5.96 -1.66 22.41
C ILE A 75 7.38 -2.03 22.02
N VAL A 76 7.52 -3.00 21.12
CA VAL A 76 8.85 -3.37 20.66
C VAL A 76 9.51 -2.18 19.99
N LYS A 77 10.84 -2.19 19.98
CA LYS A 77 11.56 -1.10 19.32
C LYS A 77 11.27 -1.12 17.83
N LEU A 78 11.23 0.07 17.23
CA LEU A 78 11.10 0.23 15.78
C LEU A 78 12.43 0.77 15.28
N TYR A 79 13.17 -0.02 14.50
CA TYR A 79 14.49 0.42 14.05
C TYR A 79 14.40 1.41 12.91
N GLY A 80 13.48 1.24 11.98
CA GLY A 80 13.40 2.18 10.88
C GLY A 80 12.34 1.77 9.89
N ALA A 81 12.51 2.26 8.67
CA ALA A 81 11.57 1.97 7.61
C ALA A 81 12.31 1.99 6.30
N CYS A 82 11.80 1.22 5.34
CA CYS A 82 12.34 1.23 4.00
C CYS A 82 11.28 1.85 3.11
N LEU A 83 11.70 2.52 2.05
CA LEU A 83 10.74 3.17 1.18
C LEU A 83 10.65 2.50 -0.17
N ASN A 84 11.53 1.53 -0.45
CA ASN A 84 11.46 0.72 -1.67
C ASN A 84 12.15 -0.61 -1.40
N PRO A 85 11.38 -1.67 -1.11
CA PRO A 85 9.92 -1.74 -0.99
C PRO A 85 9.44 -1.11 0.32
N VAL A 86 8.21 -0.60 0.41
CA VAL A 86 7.78 0.04 1.65
C VAL A 86 7.65 -1.00 2.74
N CYS A 87 8.40 -0.84 3.82
CA CYS A 87 8.29 -1.81 4.91
C CYS A 87 8.79 -1.21 6.22
N LEU A 88 8.34 -1.79 7.32
CA LEU A 88 8.74 -1.36 8.65
C LEU A 88 9.69 -2.39 9.21
N VAL A 89 10.76 -1.92 9.84
CA VAL A 89 11.81 -2.78 10.35
C VAL A 89 11.79 -2.61 11.86
N MET A 90 11.44 -3.66 12.58
CA MET A 90 11.32 -3.53 14.03
C MET A 90 12.13 -4.60 14.74
N GLU A 91 12.19 -4.47 16.06
CA GLU A 91 12.90 -5.43 16.87
C GLU A 91 12.16 -6.75 16.82
N TYR A 92 12.88 -7.83 16.55
CA TYR A 92 12.36 -9.18 16.74
C TYR A 92 12.68 -9.59 18.18
N ALA A 93 11.66 -9.60 19.03
CA ALA A 93 11.84 -9.93 20.44
C ALA A 93 11.44 -11.37 20.71
N GLU A 94 12.18 -12.02 21.59
CA GLU A 94 11.91 -13.40 21.95
C GLU A 94 10.75 -13.48 22.94
N GLY A 95 9.87 -14.44 22.72
CA GLY A 95 8.70 -14.61 23.55
C GLY A 95 7.70 -15.40 22.75
N GLY A 96 6.47 -15.41 23.25
CA GLY A 96 5.38 -16.13 22.59
C GLY A 96 4.24 -15.17 22.31
N SER A 97 3.61 -15.34 21.15
CA SER A 97 2.47 -14.50 20.85
C SER A 97 1.37 -14.83 21.84
N LEU A 98 0.64 -13.79 22.26
CA LEU A 98 -0.45 -14.01 23.20
C LEU A 98 -1.45 -15.01 22.60
N TYR A 99 -1.62 -14.97 21.28
CA TYR A 99 -2.51 -15.91 20.60
C TYR A 99 -2.11 -17.35 20.90
N ASN A 100 -0.82 -17.67 20.74
CA ASN A 100 -0.40 -19.05 20.97
C ASN A 100 -0.44 -19.38 22.46
N VAL A 101 -0.14 -18.42 23.33
CA VAL A 101 -0.25 -18.71 24.76
C VAL A 101 -1.69 -19.08 25.11
N LEU A 102 -2.65 -18.43 24.47
CA LEU A 102 -4.05 -18.67 24.80
C LEU A 102 -4.58 -19.93 24.13
N HIS A 103 -4.28 -20.10 22.86
CA HIS A 103 -5.01 -21.04 22.02
C HIS A 103 -4.10 -22.04 21.33
N GLY A 104 -2.80 -22.03 21.62
CA GLY A 104 -1.86 -22.87 20.89
C GLY A 104 -1.93 -24.36 21.21
N ALA A 105 -0.85 -25.07 20.91
CA ALA A 105 -0.82 -26.53 21.00
C ALA A 105 -0.87 -26.96 22.46
N GLU A 106 -1.59 -28.06 22.69
CA GLU A 106 -2.24 -28.59 23.90
C GLU A 106 -1.45 -28.53 25.19
N PRO A 107 -0.08 -28.58 25.20
CA PRO A 107 0.61 -28.29 26.48
C PRO A 107 0.75 -26.78 26.69
N LEU A 108 -0.25 -26.18 27.35
CA LEU A 108 -0.43 -24.73 27.45
C LEU A 108 -0.13 -24.25 28.86
N PRO A 109 0.39 -23.04 29.03
CA PRO A 109 0.65 -22.55 30.38
C PRO A 109 -0.65 -22.25 31.10
N TYR A 110 -0.64 -22.52 32.39
CA TYR A 110 -1.71 -22.11 33.27
C TYR A 110 -1.55 -20.63 33.59
N TYR A 111 -2.66 -19.89 33.64
CA TYR A 111 -2.55 -18.49 34.04
C TYR A 111 -3.77 -18.07 34.87
N THR A 112 -3.59 -17.01 35.65
CA THR A 112 -4.59 -16.56 36.62
C THR A 112 -5.26 -15.28 36.13
N ALA A 113 -6.39 -14.97 36.78
CA ALA A 113 -7.08 -13.70 36.56
C ALA A 113 -6.13 -12.52 36.69
N ALA A 114 -5.21 -12.57 37.64
CA ALA A 114 -4.25 -11.49 37.77
C ALA A 114 -3.45 -11.33 36.49
N HIS A 115 -3.00 -12.44 35.88
CA HIS A 115 -2.27 -12.37 34.61
C HIS A 115 -3.15 -11.81 33.51
N ALA A 116 -4.39 -12.31 33.44
CA ALA A 116 -5.31 -11.84 32.41
C ALA A 116 -5.46 -10.32 32.48
N MET A 117 -5.78 -9.80 33.68
CA MET A 117 -5.98 -8.36 33.85
C MET A 117 -4.67 -7.60 33.62
N SER A 118 -3.53 -8.17 34.04
CA SER A 118 -2.24 -7.49 33.85
C SER A 118 -1.88 -7.35 32.37
N TRP A 119 -2.11 -8.41 31.58
CA TRP A 119 -1.87 -8.35 30.15
C TRP A 119 -2.76 -7.31 29.49
N CYS A 120 -4.06 -7.33 29.82
CA CYS A 120 -4.91 -6.33 29.20
C CYS A 120 -4.52 -4.90 29.63
N LEU A 121 -4.14 -4.71 30.92
CA LEU A 121 -3.75 -3.37 31.37
C LEU A 121 -2.54 -2.90 30.60
N GLN A 122 -1.53 -3.77 30.47
CA GLN A 122 -0.33 -3.39 29.74
C GLN A 122 -0.65 -3.04 28.28
N CYS A 123 -1.55 -3.81 27.67
CA CYS A 123 -1.97 -3.47 26.32
C CYS A 123 -2.53 -2.06 26.27
N SER A 124 -3.43 -1.74 27.19
CA SER A 124 -4.01 -0.39 27.22
C SER A 124 -2.97 0.67 27.52
N GLN A 125 -1.94 0.35 28.31
CA GLN A 125 -0.95 1.39 28.58
C GLN A 125 -0.17 1.72 27.31
N GLY A 126 0.22 0.70 26.54
CA GLY A 126 0.89 0.98 25.27
C GLY A 126 0.00 1.72 24.28
N VAL A 127 -1.27 1.33 24.20
CA VAL A 127 -2.13 1.98 23.22
C VAL A 127 -2.46 3.40 23.66
N ALA A 128 -2.59 3.65 24.96
CA ALA A 128 -2.83 5.01 25.41
C ALA A 128 -1.65 5.89 25.07
N TYR A 129 -0.43 5.36 25.22
CA TYR A 129 0.72 6.10 24.74
C TYR A 129 0.55 6.47 23.27
N LEU A 130 0.15 5.49 22.45
CA LEU A 130 -0.07 5.78 21.03
C LEU A 130 -1.09 6.90 20.84
N HIS A 131 -2.25 6.78 21.48
CA HIS A 131 -3.32 7.75 21.29
C HIS A 131 -2.95 9.13 21.80
N SER A 132 -2.15 9.22 22.85
CA SER A 132 -1.89 10.51 23.44
C SER A 132 -0.79 11.27 22.71
N MET A 133 -0.08 10.64 21.77
CA MET A 133 1.08 11.30 21.17
C MET A 133 0.69 12.65 20.59
N GLN A 134 1.60 13.62 20.66
CA GLN A 134 1.31 14.99 20.22
C GLN A 134 2.26 15.42 19.11
N PRO A 135 1.78 16.15 18.10
CA PRO A 135 0.41 16.70 17.90
C PRO A 135 -0.68 15.73 17.45
N LYS A 136 -0.35 14.69 16.70
CA LYS A 136 -1.34 13.78 16.12
C LYS A 136 -1.23 12.41 16.79
N ALA A 137 -2.37 11.86 17.18
CA ALA A 137 -2.42 10.52 17.74
C ALA A 137 -1.96 9.51 16.70
N LEU A 138 -1.32 8.45 17.18
CA LEU A 138 -1.09 7.25 16.37
C LEU A 138 -2.17 6.24 16.74
N ILE A 139 -2.94 5.78 15.73
CA ILE A 139 -3.98 4.75 15.90
C ILE A 139 -3.35 3.42 15.54
N HIS A 140 -3.56 2.39 16.38
CA HIS A 140 -2.90 1.11 16.13
C HIS A 140 -3.50 0.39 14.91
N ARG A 141 -4.83 0.26 14.87
CA ARG A 141 -5.69 -0.16 13.77
C ARG A 141 -5.89 -1.67 13.69
N ASP A 142 -5.12 -2.48 14.38
CA ASP A 142 -5.23 -3.94 14.21
C ASP A 142 -4.78 -4.64 15.48
N LEU A 143 -5.43 -4.34 16.59
CA LEU A 143 -5.09 -4.92 17.88
C LEU A 143 -5.68 -6.31 17.97
N LYS A 144 -4.85 -7.30 18.22
CA LYS A 144 -5.32 -8.67 18.34
C LYS A 144 -4.22 -9.50 18.96
N PRO A 145 -4.55 -10.65 19.56
CA PRO A 145 -3.52 -11.40 20.28
C PRO A 145 -2.38 -11.85 19.39
N PRO A 146 -2.58 -12.10 18.08
CA PRO A 146 -1.41 -12.44 17.25
C PRO A 146 -0.38 -11.34 17.18
N ASN A 147 -0.75 -10.09 17.46
CA ASN A 147 0.15 -8.94 17.42
C ASN A 147 0.68 -8.54 18.78
N LEU A 148 0.46 -9.33 19.81
CA LEU A 148 0.95 -9.03 21.13
C LEU A 148 1.85 -10.16 21.56
N LEU A 149 2.93 -9.82 22.25
CA LEU A 149 3.98 -10.76 22.58
C LEU A 149 4.14 -10.79 24.08
N LEU A 150 4.22 -11.99 24.68
CA LEU A 150 4.53 -12.14 26.09
C LEU A 150 6.01 -12.44 26.27
N VAL A 151 6.67 -11.66 27.12
CA VAL A 151 8.07 -11.85 27.46
C VAL A 151 8.22 -11.90 28.98
N ALA A 152 9.46 -12.10 29.43
CA ALA A 152 9.80 -12.18 30.85
C ALA A 152 8.92 -13.21 31.57
N GLY A 153 9.04 -14.46 31.13
CA GLY A 153 8.27 -15.55 31.74
C GLY A 153 6.77 -15.35 31.68
N GLY A 154 6.30 -14.65 30.65
CA GLY A 154 4.88 -14.42 30.44
C GLY A 154 4.28 -13.32 31.27
N THR A 155 5.10 -12.45 31.86
CA THR A 155 4.57 -11.42 32.73
C THR A 155 4.57 -10.03 32.10
N VAL A 156 5.38 -9.78 31.06
CA VAL A 156 5.38 -8.49 30.37
C VAL A 156 4.80 -8.66 28.96
N LEU A 157 3.87 -7.79 28.58
CA LEU A 157 3.26 -7.82 27.26
C LEU A 157 3.79 -6.66 26.42
N LYS A 158 4.05 -6.93 25.14
CA LYS A 158 4.55 -5.90 24.22
C LYS A 158 3.76 -5.99 22.92
N ILE A 159 3.33 -4.84 22.40
CA ILE A 159 2.83 -4.77 21.02
C ILE A 159 3.98 -5.02 20.06
N CYS A 160 3.80 -5.99 19.14
CA CYS A 160 4.89 -6.36 18.24
C CYS A 160 4.54 -6.17 16.76
N ASP A 161 3.42 -5.55 16.45
CA ASP A 161 3.13 -5.24 15.07
C ASP A 161 2.12 -4.11 15.11
N PHE A 162 2.08 -3.32 14.04
CA PHE A 162 1.15 -2.21 13.95
C PHE A 162 0.20 -2.48 12.79
N GLY A 163 -1.05 -2.02 12.93
CA GLY A 163 -2.01 -2.10 11.86
C GLY A 163 -1.77 -1.06 10.78
N THR A 164 -2.45 -1.27 9.65
CA THR A 164 -2.32 -0.42 8.48
C THR A 164 -3.71 0.02 8.06
N ALA A 165 -3.75 1.09 7.26
CA ALA A 165 -5.00 1.70 6.78
C ALA A 165 -5.48 0.97 5.53
N CYS A 166 -6.44 0.06 5.70
CA CYS A 166 -6.92 -0.77 4.61
C CYS A 166 -8.19 -0.18 4.02
N ASP A 167 -8.32 -0.27 2.69
CA ASP A 167 -9.46 0.29 1.98
C ASP A 167 -10.68 -0.57 2.21
N ILE A 168 -11.86 0.02 1.99
CA ILE A 168 -13.11 -0.67 2.31
C ILE A 168 -13.20 -2.01 1.57
N GLN A 169 -13.03 -1.98 0.24
CA GLN A 169 -13.02 -3.17 -0.60
C GLN A 169 -12.24 -4.33 0.00
N THR A 170 -11.07 -4.04 0.54
CA THR A 170 -10.16 -5.10 0.97
C THR A 170 -10.64 -5.90 2.17
N HIS A 171 -11.56 -5.39 3.01
CA HIS A 171 -11.90 -6.16 4.21
C HIS A 171 -12.49 -7.52 3.88
N MET A 172 -13.38 -7.58 2.91
CA MET A 172 -13.95 -8.87 2.52
C MET A 172 -13.11 -9.62 1.50
N THR A 173 -11.98 -9.06 1.08
CA THR A 173 -11.25 -9.66 -0.04
C THR A 173 -9.88 -10.22 0.29
N ASN A 174 -9.11 -9.63 1.20
CA ASN A 174 -7.78 -10.15 1.55
C ASN A 174 -7.71 -10.48 3.03
N ASN A 175 -8.35 -11.57 3.48
CA ASN A 175 -8.36 -11.92 4.90
C ASN A 175 -6.99 -11.76 5.57
N LYS A 176 -6.83 -10.64 6.28
CA LYS A 176 -5.67 -10.37 7.12
C LYS A 176 -5.83 -11.01 8.49
N GLY A 177 -6.95 -11.70 8.72
CA GLY A 177 -7.19 -12.44 9.94
C GLY A 177 -7.57 -11.59 11.14
N SER A 178 -8.12 -10.42 10.91
CA SER A 178 -8.51 -9.51 11.98
C SER A 178 -10.01 -9.48 12.23
N ALA A 179 -10.80 -10.37 11.63
CA ALA A 179 -12.25 -10.17 11.64
C ALA A 179 -12.82 -10.17 13.04
N ALA A 180 -12.35 -11.06 13.92
CA ALA A 180 -12.95 -11.15 15.25
C ALA A 180 -12.71 -9.92 16.10
N TRP A 181 -11.80 -9.03 15.73
CA TRP A 181 -11.45 -7.87 16.55
C TRP A 181 -11.75 -6.55 15.87
N MET A 182 -12.48 -6.56 14.75
CA MET A 182 -12.57 -5.39 13.89
C MET A 182 -13.85 -4.63 14.21
N ALA A 183 -13.71 -3.36 14.55
CA ALA A 183 -14.87 -2.53 14.85
C ALA A 183 -15.80 -2.45 13.63
N PRO A 184 -17.11 -2.40 13.83
CA PRO A 184 -17.98 -2.40 12.64
C PRO A 184 -17.79 -1.17 11.75
N GLU A 185 -17.41 -0.02 12.32
CA GLU A 185 -17.21 1.16 11.49
C GLU A 185 -15.96 1.04 10.64
N VAL A 186 -15.01 0.19 11.05
CA VAL A 186 -13.86 -0.11 10.21
C VAL A 186 -14.28 -1.00 9.04
N PHE A 187 -15.10 -2.02 9.31
CA PHE A 187 -15.63 -2.87 8.25
C PHE A 187 -16.39 -2.06 7.22
N GLU A 188 -17.28 -1.18 7.67
CA GLU A 188 -18.12 -0.49 6.68
C GLU A 188 -17.46 0.73 6.04
N GLY A 189 -16.59 1.45 6.74
CA GLY A 189 -16.09 2.70 6.20
C GLY A 189 -14.61 2.94 6.40
N SER A 190 -13.92 1.98 7.03
CA SER A 190 -12.51 2.14 7.31
C SER A 190 -12.25 3.41 8.13
N ASN A 191 -13.22 3.71 9.00
CA ASN A 191 -13.11 4.77 10.01
C ASN A 191 -12.21 4.31 11.18
N TYR A 192 -10.93 4.11 10.87
CA TYR A 192 -9.96 3.88 11.92
C TYR A 192 -9.94 5.09 12.85
N SER A 193 -10.16 4.86 14.15
CA SER A 193 -10.11 5.95 15.12
C SER A 193 -9.69 5.35 16.46
N GLU A 194 -9.50 6.22 17.46
CA GLU A 194 -9.16 5.74 18.80
C GLU A 194 -10.16 4.69 19.25
N LYS A 195 -11.44 4.91 18.91
CA LYS A 195 -12.48 4.01 19.35
C LYS A 195 -12.41 2.65 18.66
N CYS A 196 -11.78 2.53 17.49
CA CYS A 196 -11.65 1.19 16.90
C CYS A 196 -10.69 0.34 17.71
N ASP A 197 -9.54 0.91 18.13
CA ASP A 197 -8.63 0.22 19.04
C ASP A 197 -9.33 -0.13 20.36
N VAL A 198 -10.19 0.76 20.85
CA VAL A 198 -10.90 0.42 22.08
C VAL A 198 -11.81 -0.79 21.87
N PHE A 199 -12.51 -0.86 20.73
CA PHE A 199 -13.39 -2.02 20.50
C PHE A 199 -12.59 -3.32 20.51
N SER A 200 -11.49 -3.33 19.75
CA SER A 200 -10.62 -4.51 19.74
C SER A 200 -10.18 -4.87 21.14
N TRP A 201 -9.90 -3.86 21.97
CA TRP A 201 -9.44 -4.13 23.33
C TRP A 201 -10.52 -4.83 24.12
N GLY A 202 -11.77 -4.43 23.93
CA GLY A 202 -12.85 -5.08 24.67
C GLY A 202 -12.97 -6.54 24.30
N ILE A 203 -12.83 -6.85 23.00
CA ILE A 203 -12.88 -8.24 22.57
C ILE A 203 -11.73 -9.03 23.21
N ILE A 204 -10.51 -8.47 23.17
CA ILE A 204 -9.35 -9.15 23.75
C ILE A 204 -9.56 -9.42 25.24
N LEU A 205 -10.18 -8.47 25.97
CA LEU A 205 -10.46 -8.70 27.40
C LEU A 205 -11.35 -9.92 27.59
N TRP A 206 -12.42 -10.00 26.79
CA TRP A 206 -13.23 -11.21 26.85
C TRP A 206 -12.39 -12.45 26.56
N GLU A 207 -11.54 -12.36 25.55
CA GLU A 207 -10.76 -13.52 25.09
C GLU A 207 -9.80 -14.02 26.16
N VAL A 208 -9.09 -13.12 26.84
CA VAL A 208 -8.18 -13.65 27.85
C VAL A 208 -8.95 -14.13 29.08
N ILE A 209 -10.10 -13.54 29.40
CA ILE A 209 -10.77 -14.00 30.60
C ILE A 209 -11.37 -15.39 30.38
N THR A 210 -11.94 -15.65 29.19
CA THR A 210 -12.56 -16.94 28.91
C THR A 210 -11.62 -17.95 28.29
N ARG A 211 -10.44 -17.52 27.83
CA ARG A 211 -9.53 -18.37 27.06
C ARG A 211 -10.22 -19.01 25.85
N ARG A 212 -11.19 -18.31 25.25
CA ARG A 212 -11.91 -18.80 24.08
C ARG A 212 -11.68 -17.89 22.88
N LYS A 213 -11.81 -18.46 21.68
CA LYS A 213 -11.63 -17.70 20.45
C LYS A 213 -12.90 -16.92 20.14
N PRO A 214 -12.84 -15.60 19.99
CA PRO A 214 -14.07 -14.83 19.75
C PRO A 214 -14.72 -15.19 18.43
N PHE A 215 -16.05 -15.30 18.44
CA PHE A 215 -16.87 -15.56 17.25
C PHE A 215 -16.52 -16.89 16.56
N ASP A 216 -16.01 -17.86 17.34
CA ASP A 216 -15.62 -19.17 16.80
C ASP A 216 -16.80 -19.98 16.24
N GLU A 217 -18.01 -19.77 16.77
CA GLU A 217 -19.20 -20.47 16.32
C GLU A 217 -19.67 -20.05 14.94
N ILE A 218 -19.04 -19.06 14.31
CA ILE A 218 -19.46 -18.57 12.99
C ILE A 218 -18.52 -19.14 11.94
N GLY A 219 -19.02 -20.09 11.15
CA GLY A 219 -18.20 -20.70 10.12
C GLY A 219 -18.08 -19.79 8.92
N GLY A 220 -18.09 -20.36 7.71
CA GLY A 220 -18.00 -19.56 6.51
C GLY A 220 -16.66 -18.84 6.50
N PRO A 221 -16.39 -18.06 5.47
CA PRO A 221 -15.14 -17.30 5.44
C PRO A 221 -15.10 -16.22 6.52
N ALA A 222 -13.95 -15.54 6.63
CA ALA A 222 -13.76 -14.56 7.70
C ALA A 222 -14.86 -13.49 7.69
N PHE A 223 -15.25 -13.02 6.50
CA PHE A 223 -16.15 -11.86 6.42
C PHE A 223 -17.51 -12.12 7.07
N ARG A 224 -17.90 -13.38 7.26
CA ARG A 224 -19.14 -13.65 7.98
C ARG A 224 -19.03 -13.13 9.41
N ILE A 225 -17.83 -13.17 9.99
CA ILE A 225 -17.66 -12.61 11.32
C ILE A 225 -17.91 -11.11 11.27
N MET A 226 -17.33 -10.42 10.29
CA MET A 226 -17.50 -8.96 10.26
C MET A 226 -18.95 -8.58 10.02
N TRP A 227 -19.69 -9.37 9.22
CA TRP A 227 -21.12 -9.12 9.08
C TRP A 227 -21.86 -9.38 10.39
N ALA A 228 -21.46 -10.44 11.12
CA ALA A 228 -22.10 -10.73 12.39
C ALA A 228 -21.95 -9.56 13.36
N VAL A 229 -20.72 -9.06 13.53
CA VAL A 229 -20.56 -7.99 14.50
C VAL A 229 -21.14 -6.68 13.97
N HIS A 230 -21.11 -6.47 12.66
CA HIS A 230 -21.78 -5.29 12.10
C HIS A 230 -23.29 -5.34 12.33
N ASN A 231 -23.90 -6.54 12.32
CA ASN A 231 -25.31 -6.69 12.65
C ASN A 231 -25.53 -6.65 14.15
N GLY A 232 -24.48 -6.49 14.95
CA GLY A 232 -24.61 -6.36 16.40
C GLY A 232 -24.22 -7.57 17.24
N THR A 233 -23.85 -8.70 16.64
CA THR A 233 -23.44 -9.85 17.45
C THR A 233 -22.22 -9.49 18.28
N ARG A 234 -22.19 -10.03 19.50
CA ARG A 234 -21.10 -9.83 20.45
C ARG A 234 -20.79 -11.16 21.11
N PRO A 235 -19.63 -11.30 21.75
CA PRO A 235 -19.36 -12.51 22.51
C PRO A 235 -20.32 -12.65 23.67
N PRO A 236 -20.59 -13.87 24.12
CA PRO A 236 -21.54 -14.06 25.21
C PRO A 236 -21.04 -13.45 26.51
N LEU A 237 -22.00 -13.08 27.36
CA LEU A 237 -21.63 -12.58 28.67
C LEU A 237 -20.96 -13.69 29.45
N ILE A 238 -20.18 -13.30 30.45
CA ILE A 238 -19.30 -14.21 31.18
C ILE A 238 -19.91 -14.47 32.55
N LYS A 239 -20.15 -15.74 32.86
CA LYS A 239 -20.73 -16.13 34.13
C LYS A 239 -19.92 -15.58 35.32
N ASN A 240 -20.58 -14.82 36.18
CA ASN A 240 -20.02 -14.36 37.46
C ASN A 240 -18.84 -13.38 37.29
N LEU A 241 -18.78 -12.68 36.17
CA LEU A 241 -17.75 -11.68 35.99
C LEU A 241 -18.03 -10.48 36.88
N PRO A 242 -17.02 -9.96 37.59
CA PRO A 242 -17.21 -8.73 38.39
C PRO A 242 -17.85 -7.60 37.59
N LYS A 243 -18.92 -7.03 38.13
CA LYS A 243 -19.68 -6.02 37.39
C LYS A 243 -18.83 -4.84 36.94
N PRO A 244 -17.86 -4.34 37.70
CA PRO A 244 -17.01 -3.29 37.13
C PRO A 244 -16.32 -3.74 35.85
N ILE A 245 -15.88 -4.99 35.83
CA ILE A 245 -15.24 -5.53 34.63
C ILE A 245 -16.25 -5.67 33.49
N GLU A 246 -17.41 -6.28 33.76
CA GLU A 246 -18.41 -6.41 32.72
C GLU A 246 -18.81 -5.06 32.13
N SER A 247 -18.92 -4.04 32.97
CA SER A 247 -19.32 -2.72 32.49
C SER A 247 -18.24 -2.17 31.56
N LEU A 248 -16.98 -2.25 31.97
CA LEU A 248 -15.90 -1.81 31.07
C LEU A 248 -15.93 -2.58 29.75
N MET A 249 -16.04 -3.91 29.85
CA MET A 249 -16.05 -4.77 28.67
C MET A 249 -17.14 -4.37 27.70
N THR A 250 -18.39 -4.35 28.17
CA THR A 250 -19.48 -4.13 27.24
C THR A 250 -19.55 -2.68 26.77
N ARG A 251 -19.09 -1.71 27.56
CA ARG A 251 -19.01 -0.36 27.00
C ARG A 251 -18.01 -0.31 25.86
N CYS A 252 -16.93 -1.11 25.94
CA CYS A 252 -15.97 -1.15 24.86
C CYS A 252 -16.58 -1.71 23.57
N TRP A 253 -17.55 -2.60 23.67
CA TRP A 253 -18.10 -3.25 22.47
C TRP A 253 -19.12 -2.39 21.74
N SER A 254 -19.54 -1.25 22.28
CA SER A 254 -20.74 -0.58 21.77
C SER A 254 -20.65 -0.30 20.27
N LYS A 255 -21.79 -0.45 19.58
CA LYS A 255 -21.89 -0.02 18.19
C LYS A 255 -21.52 1.46 18.02
N ASP A 256 -21.99 2.32 18.94
CA ASP A 256 -21.70 3.75 18.84
C ASP A 256 -20.30 4.02 19.39
N PRO A 257 -19.35 4.42 18.55
CA PRO A 257 -17.99 4.62 19.06
C PRO A 257 -17.89 5.64 20.18
N SER A 258 -18.79 6.64 20.21
CA SER A 258 -18.75 7.65 21.27
C SER A 258 -19.11 7.07 22.64
N GLN A 259 -19.91 6.00 22.67
CA GLN A 259 -20.27 5.38 23.93
C GLN A 259 -19.16 4.47 24.48
N ARG A 260 -17.98 4.45 23.85
CA ARG A 260 -16.86 3.63 24.25
C ARG A 260 -15.86 4.44 25.04
N PRO A 261 -15.27 3.88 26.09
CA PRO A 261 -14.28 4.62 26.87
C PRO A 261 -13.09 5.03 26.00
N SER A 262 -12.26 5.93 26.52
CA SER A 262 -10.98 6.21 25.87
C SER A 262 -9.90 5.29 26.44
N MET A 263 -8.78 5.19 25.73
CA MET A 263 -7.71 4.37 26.27
C MET A 263 -7.17 4.90 27.59
N GLU A 264 -7.14 6.22 27.81
CA GLU A 264 -6.71 6.72 29.11
C GLU A 264 -7.71 6.34 30.21
N GLU A 265 -9.01 6.41 29.90
CA GLU A 265 -9.97 5.93 30.90
C GLU A 265 -9.70 4.47 31.24
N ILE A 266 -9.43 3.64 30.22
CA ILE A 266 -9.19 2.22 30.42
C ILE A 266 -7.95 2.00 31.27
N VAL A 267 -6.87 2.74 31.00
CA VAL A 267 -5.68 2.58 31.83
C VAL A 267 -6.02 2.87 33.29
N LYS A 268 -6.75 3.97 33.53
CA LYS A 268 -7.01 4.30 34.94
C LYS A 268 -7.93 3.29 35.60
N ILE A 269 -9.01 2.87 34.92
CA ILE A 269 -9.89 1.88 35.53
C ILE A 269 -9.12 0.60 35.84
N MET A 270 -8.33 0.13 34.88
CA MET A 270 -7.65 -1.15 35.06
C MET A 270 -6.55 -1.05 36.12
N THR A 271 -5.85 0.10 36.16
CA THR A 271 -4.84 0.30 37.19
C THR A 271 -5.49 0.24 38.56
N HIS A 272 -6.65 0.87 38.71
CA HIS A 272 -7.38 0.75 39.97
C HIS A 272 -7.66 -0.71 40.28
N LEU A 273 -8.24 -1.45 39.32
CA LEU A 273 -8.67 -2.81 39.61
C LEU A 273 -7.53 -3.77 39.91
N MET A 274 -6.31 -3.44 39.49
CA MET A 274 -5.19 -4.33 39.79
C MET A 274 -4.99 -4.54 41.31
N ARG A 275 -5.52 -3.65 42.16
CA ARG A 275 -5.38 -3.87 43.60
C ARG A 275 -6.12 -5.13 44.02
N TYR A 276 -7.09 -5.58 43.24
CA TYR A 276 -7.81 -6.80 43.50
C TYR A 276 -7.23 -7.99 42.76
N PHE A 277 -6.06 -7.83 42.11
CA PHE A 277 -5.42 -8.91 41.35
C PHE A 277 -3.93 -8.95 41.68
N PRO A 278 -3.58 -9.39 42.90
CA PRO A 278 -2.17 -9.54 43.24
C PRO A 278 -1.60 -10.78 42.55
N GLY A 279 -0.29 -10.79 42.37
CA GLY A 279 0.41 -11.95 41.86
C GLY A 279 0.65 -11.96 40.36
N ALA A 280 0.32 -10.88 39.65
CA ALA A 280 0.56 -10.82 38.22
C ALA A 280 2.03 -10.89 37.84
N ASP A 281 2.95 -10.76 38.81
CA ASP A 281 4.37 -10.86 38.52
C ASP A 281 4.93 -12.27 38.70
N GLU A 282 4.07 -13.24 39.04
CA GLU A 282 4.50 -14.63 39.12
C GLU A 282 4.67 -15.19 37.71
N PRO A 283 5.84 -15.70 37.33
CA PRO A 283 6.01 -16.20 35.96
C PRO A 283 5.10 -17.38 35.71
N LEU A 284 4.73 -17.56 34.45
CA LEU A 284 4.01 -18.75 34.06
C LEU A 284 4.96 -19.93 34.22
N GLN A 285 4.46 -21.03 34.77
CA GLN A 285 5.38 -22.09 35.17
C GLN A 285 4.73 -23.46 35.11
N TYR A 286 3.44 -23.49 35.20
CA TYR A 286 2.76 -24.77 35.24
C TYR A 286 1.96 -25.00 33.98
N PRO A 287 1.80 -26.25 33.54
CA PRO A 287 0.79 -26.56 32.53
C PRO A 287 -0.58 -26.69 33.19
N CYS A 288 -1.62 -26.72 32.36
CA CYS A 288 -2.97 -26.64 32.87
C CYS A 288 -3.85 -27.76 32.32
N GLN A 289 -4.75 -28.26 33.17
CA GLN A 289 -5.74 -29.26 32.78
C GLN A 289 -7.13 -28.65 32.54
N GLY A 298 -26.19 -19.21 25.78
CA GLY A 298 -26.24 -18.81 27.17
C GLY A 298 -25.00 -18.04 27.55
N ARG A 299 -24.71 -17.92 28.84
CA ARG A 299 -23.47 -17.28 29.26
C ARG A 299 -22.31 -18.27 29.08
N VAL A 300 -21.09 -17.84 29.36
CA VAL A 300 -19.93 -18.71 29.23
C VAL A 300 -19.14 -18.63 30.52
N GLU A 301 -18.52 -19.75 30.88
CA GLU A 301 -17.77 -19.73 32.12
C GLU A 301 -16.40 -19.12 31.86
N PRO A 302 -15.86 -18.41 32.82
CA PRO A 302 -14.52 -17.84 32.64
C PRO A 302 -13.46 -18.91 32.80
N TYR A 303 -12.35 -18.74 32.11
CA TYR A 303 -11.22 -19.61 32.40
C TYR A 303 -10.61 -19.26 33.75
N VAL A 304 -10.36 -17.96 33.99
CA VAL A 304 -9.73 -17.49 35.21
C VAL A 304 -10.71 -17.53 36.37
N ASP A 305 -10.22 -17.41 37.60
CA ASP A 305 -11.01 -17.57 38.81
C ASP A 305 -11.04 -16.24 39.55
N PHE A 306 -12.22 -15.70 39.79
CA PHE A 306 -12.38 -14.41 40.44
C PHE A 306 -12.60 -14.48 41.97
N ALA A 307 -12.49 -15.66 42.59
CA ALA A 307 -12.79 -15.76 44.02
C ALA A 307 -11.93 -14.80 44.85
N GLU A 308 -10.63 -14.75 44.57
CA GLU A 308 -9.78 -13.83 45.32
C GLU A 308 -10.22 -12.38 45.13
N PHE A 309 -10.67 -12.02 43.92
CA PHE A 309 -11.14 -10.66 43.68
C PHE A 309 -12.30 -10.32 44.60
N TYR A 310 -13.27 -11.24 44.70
CA TYR A 310 -14.42 -10.99 45.54
C TYR A 310 -14.03 -10.87 47.00
N ARG A 311 -13.13 -11.75 47.47
CA ARG A 311 -12.68 -11.64 48.85
C ARG A 311 -12.01 -10.30 49.11
N LEU A 312 -11.06 -9.91 48.25
CA LEU A 312 -10.35 -8.63 48.42
C LEU A 312 -11.29 -7.43 48.30
N TRP A 313 -12.29 -7.54 47.45
CA TRP A 313 -13.22 -6.44 47.29
C TRP A 313 -14.00 -6.23 48.57
N SER A 314 -14.47 -7.33 49.18
CA SER A 314 -15.21 -7.23 50.43
C SER A 314 -14.32 -6.72 51.57
N VAL A 315 -13.05 -7.14 51.60
CA VAL A 315 -12.13 -6.57 52.58
C VAL A 315 -12.13 -5.04 52.47
N ASP A 316 -12.24 -4.53 51.24
CA ASP A 316 -12.26 -3.07 51.06
C ASP A 316 -13.63 -2.45 51.37
N HIS A 317 -14.73 -3.19 51.17
CA HIS A 317 -16.04 -2.55 51.20
C HIS A 317 -17.10 -3.22 52.06
N GLY A 318 -16.84 -4.39 52.65
CA GLY A 318 -17.90 -5.18 53.29
C GLY A 318 -18.74 -5.94 52.27
N GLU A 319 -19.79 -6.63 52.77
CA GLU A 319 -20.76 -7.31 51.88
C GLU A 319 -21.87 -6.35 51.43
N ASN B 13 15.15 10.77 -11.02
CA ASN B 13 16.32 9.90 -10.91
C ASN B 13 17.59 10.67 -10.51
N PHE B 14 17.93 10.59 -9.24
CA PHE B 14 19.11 11.25 -8.68
C PHE B 14 20.34 10.36 -8.89
N GLU B 15 21.38 10.92 -9.49
CA GLU B 15 22.51 10.11 -9.94
C GLU B 15 23.78 10.45 -9.15
N GLU B 16 24.75 9.53 -9.21
CA GLU B 16 26.10 9.75 -8.72
C GLU B 16 26.91 10.17 -9.93
N ILE B 17 27.23 11.45 -9.99
CA ILE B 17 27.71 12.08 -11.21
C ILE B 17 29.23 12.01 -11.26
N ASP B 18 29.76 11.72 -12.44
CA ASP B 18 31.20 11.76 -12.64
C ASP B 18 31.59 13.22 -12.87
N TYR B 19 32.58 13.70 -12.12
CA TYR B 19 32.95 15.10 -12.26
C TYR B 19 33.58 15.39 -13.61
N LYS B 20 34.22 14.40 -14.24
CA LYS B 20 34.81 14.62 -15.56
C LYS B 20 33.74 15.02 -16.56
N GLU B 21 32.49 14.61 -16.33
CA GLU B 21 31.38 14.98 -17.19
C GLU B 21 30.95 16.42 -17.00
N ILE B 22 31.62 17.21 -16.16
CA ILE B 22 31.23 18.58 -15.85
C ILE B 22 32.23 19.53 -16.49
N GLU B 23 31.72 20.55 -17.18
CA GLU B 23 32.56 21.59 -17.80
C GLU B 23 32.18 22.93 -17.19
N VAL B 24 33.10 23.54 -16.45
CA VAL B 24 32.82 24.81 -15.80
C VAL B 24 32.98 25.93 -16.82
N GLU B 25 31.96 26.79 -16.94
CA GLU B 25 31.93 27.82 -17.98
C GLU B 25 32.62 29.10 -17.49
N GLU B 26 32.02 29.76 -16.50
CA GLU B 26 32.52 31.00 -15.91
C GLU B 26 32.22 30.97 -14.42
N VAL B 27 33.18 31.43 -13.61
CA VAL B 27 32.97 31.45 -12.17
C VAL B 27 32.14 32.64 -11.69
N VAL B 28 31.94 33.67 -12.53
CA VAL B 28 31.14 34.84 -12.18
C VAL B 28 29.79 34.70 -12.88
N GLY B 29 28.71 34.88 -12.14
CA GLY B 29 27.37 34.70 -12.68
C GLY B 29 26.29 35.02 -11.67
N ARG B 30 25.16 34.33 -11.76
CA ARG B 30 24.01 34.69 -10.92
C ARG B 30 24.11 34.15 -9.50
N GLY B 31 24.82 33.05 -9.28
CA GLY B 31 24.81 32.39 -7.99
C GLY B 31 25.91 32.86 -7.06
N ALA B 32 25.87 32.31 -5.84
CA ALA B 32 26.84 32.61 -4.78
C ALA B 32 28.28 32.39 -5.27
N PHE B 33 29.04 33.47 -5.41
CA PHE B 33 30.40 33.36 -5.96
C PHE B 33 31.26 32.50 -5.05
N GLY B 34 31.92 31.50 -5.65
CA GLY B 34 32.73 30.55 -4.90
C GLY B 34 31.96 29.36 -4.37
N VAL B 35 30.64 29.42 -4.39
CA VAL B 35 29.80 28.28 -4.07
C VAL B 35 29.12 27.74 -5.33
N VAL B 36 28.41 28.59 -6.09
CA VAL B 36 27.54 28.10 -7.17
C VAL B 36 28.01 28.50 -8.58
N CYS B 37 28.10 27.52 -9.52
CA CYS B 37 28.42 27.74 -10.95
C CYS B 37 27.36 27.22 -11.93
N LYS B 38 27.36 27.90 -13.08
CA LYS B 38 26.65 27.47 -14.24
C LYS B 38 27.63 26.65 -15.07
N ALA B 39 27.26 25.41 -15.34
CA ALA B 39 28.10 24.49 -16.05
C ALA B 39 27.25 23.74 -17.07
N LYS B 40 27.90 22.86 -17.81
CA LYS B 40 27.22 21.99 -18.73
C LYS B 40 27.54 20.57 -18.30
N TRP B 41 26.51 19.74 -18.29
CA TRP B 41 26.66 18.35 -17.90
C TRP B 41 25.60 17.58 -18.67
N ARG B 42 26.00 16.44 -19.23
CA ARG B 42 25.23 15.74 -20.27
C ARG B 42 25.04 16.80 -21.36
N ALA B 43 23.83 17.12 -21.77
CA ALA B 43 23.64 18.28 -22.63
C ALA B 43 23.09 19.49 -21.87
N LYS B 44 22.74 19.31 -20.60
CA LYS B 44 21.97 20.28 -19.85
C LYS B 44 22.84 21.37 -19.23
N ASP B 45 22.24 22.54 -19.05
CA ASP B 45 22.81 23.61 -18.23
C ASP B 45 22.51 23.32 -16.76
N VAL B 46 23.52 23.40 -15.91
CA VAL B 46 23.38 23.00 -14.52
C VAL B 46 24.00 24.04 -13.60
N ALA B 47 23.66 23.94 -12.32
CA ALA B 47 24.31 24.70 -11.27
C ALA B 47 25.00 23.72 -10.32
N ILE B 48 26.30 23.94 -10.13
CA ILE B 48 27.15 23.14 -9.25
C ILE B 48 27.34 23.91 -7.96
N LYS B 49 26.87 23.33 -6.86
CA LYS B 49 27.04 23.88 -5.53
C LYS B 49 28.12 23.06 -4.81
N GLN B 50 29.28 23.66 -4.60
CA GLN B 50 30.33 23.01 -3.83
C GLN B 50 29.95 22.98 -2.36
N ILE B 51 30.22 21.85 -1.70
CA ILE B 51 30.01 21.73 -0.26
C ILE B 51 31.38 21.84 0.41
N GLU B 52 31.54 22.85 1.27
CA GLU B 52 32.87 23.33 1.66
C GLU B 52 33.48 22.61 2.87
N SER B 53 33.02 22.93 4.08
CA SER B 53 33.70 22.44 5.27
C SER B 53 33.42 20.95 5.47
N GLU B 54 34.13 20.36 6.45
CA GLU B 54 33.93 18.94 6.74
C GLU B 54 32.60 18.69 7.45
N SER B 55 32.20 19.59 8.35
CA SER B 55 30.87 19.49 8.96
C SER B 55 29.79 19.49 7.87
N GLU B 56 29.92 20.40 6.90
CA GLU B 56 28.92 20.50 5.85
C GLU B 56 28.97 19.30 4.92
N ARG B 57 30.18 18.85 4.57
CA ARG B 57 30.32 17.66 3.74
C ARG B 57 29.69 16.43 4.41
N LYS B 58 29.95 16.26 5.71
CA LYS B 58 29.36 15.14 6.45
C LYS B 58 27.83 15.16 6.38
N ALA B 59 27.24 16.30 6.75
CA ALA B 59 25.77 16.37 6.73
C ALA B 59 25.22 16.19 5.31
N PHE B 60 25.93 16.68 4.29
CA PHE B 60 25.43 16.59 2.91
C PHE B 60 25.42 15.14 2.45
N ILE B 61 26.50 14.42 2.70
CA ILE B 61 26.57 13.01 2.36
C ILE B 61 25.49 12.22 3.10
N VAL B 62 25.25 12.56 4.39
CA VAL B 62 24.21 11.84 5.14
C VAL B 62 22.83 12.06 4.51
N GLU B 63 22.51 13.31 4.17
CA GLU B 63 21.15 13.59 3.70
C GLU B 63 20.99 13.50 2.19
N LEU B 64 22.00 12.97 1.48
CA LEU B 64 21.81 12.70 0.05
C LEU B 64 20.57 11.84 -0.21
N ARG B 65 20.28 10.88 0.68
CA ARG B 65 19.11 10.04 0.47
C ARG B 65 17.83 10.88 0.44
N GLN B 66 17.68 11.79 1.42
CA GLN B 66 16.53 12.69 1.43
C GLN B 66 16.52 13.62 0.22
N LEU B 67 17.69 14.17 -0.13
CA LEU B 67 17.75 15.11 -1.25
C LEU B 67 17.29 14.46 -2.55
N SER B 68 17.66 13.18 -2.76
CA SER B 68 17.28 12.48 -3.97
C SER B 68 15.76 12.35 -4.11
N ARG B 69 15.02 12.46 -3.02
CA ARG B 69 13.57 12.38 -3.09
C ARG B 69 12.92 13.75 -3.31
N VAL B 70 13.71 14.83 -3.40
CA VAL B 70 13.12 16.17 -3.44
C VAL B 70 12.50 16.38 -4.82
N ASN B 71 11.20 16.70 -4.84
CA ASN B 71 10.58 17.03 -6.12
C ASN B 71 9.31 17.81 -5.84
N HIS B 72 9.23 19.05 -6.34
CA HIS B 72 8.14 19.98 -6.04
C HIS B 72 8.20 21.15 -7.02
N PRO B 73 7.07 21.72 -7.46
CA PRO B 73 7.13 22.74 -8.52
C PRO B 73 7.82 24.03 -8.12
N ASN B 74 7.93 24.33 -6.83
CA ASN B 74 8.60 25.54 -6.38
C ASN B 74 10.01 25.25 -5.90
N ILE B 75 10.62 24.18 -6.40
CA ILE B 75 12.02 23.84 -6.12
C ILE B 75 12.65 23.38 -7.42
N VAL B 76 13.82 23.97 -7.75
CA VAL B 76 14.49 23.57 -8.98
C VAL B 76 14.85 22.09 -8.91
N LYS B 77 15.01 21.49 -10.09
CA LYS B 77 15.37 20.09 -10.20
C LYS B 77 16.75 19.84 -9.64
N LEU B 78 16.94 18.67 -9.00
CA LEU B 78 18.25 18.20 -8.56
C LEU B 78 18.59 16.98 -9.39
N TYR B 79 19.58 17.12 -10.28
CA TYR B 79 19.97 16.02 -11.15
C TYR B 79 20.83 14.97 -10.46
N GLY B 80 21.73 15.38 -9.58
CA GLY B 80 22.54 14.40 -8.86
C GLY B 80 23.59 15.07 -8.01
N ALA B 81 24.60 14.29 -7.63
CA ALA B 81 25.68 14.79 -6.78
C ALA B 81 26.94 13.97 -7.03
N CYS B 82 28.09 14.59 -6.80
CA CYS B 82 29.39 13.95 -6.90
C CYS B 82 30.07 13.96 -5.55
N LEU B 83 30.95 12.97 -5.34
CA LEU B 83 31.64 12.86 -4.07
C LEU B 83 33.12 13.21 -4.14
N ASN B 84 33.64 13.48 -5.32
CA ASN B 84 35.01 13.99 -5.44
C ASN B 84 35.03 14.86 -6.69
N PRO B 85 34.86 16.20 -6.54
CA PRO B 85 34.63 16.93 -5.28
C PRO B 85 33.19 16.79 -4.75
N VAL B 86 32.96 16.96 -3.45
CA VAL B 86 31.61 16.87 -2.88
C VAL B 86 30.80 18.06 -3.38
N CYS B 87 29.76 17.80 -4.18
CA CYS B 87 28.94 18.91 -4.63
C CYS B 87 27.57 18.42 -5.06
N LEU B 88 26.63 19.38 -5.17
CA LEU B 88 25.27 19.15 -5.61
C LEU B 88 25.08 19.69 -7.01
N VAL B 89 24.37 18.93 -7.85
CA VAL B 89 24.16 19.28 -9.24
C VAL B 89 22.67 19.52 -9.44
N MET B 90 22.29 20.78 -9.69
CA MET B 90 20.89 21.11 -9.83
C MET B 90 20.63 21.78 -11.17
N GLU B 91 19.35 21.94 -11.48
CA GLU B 91 18.95 22.57 -12.74
C GLU B 91 19.27 24.06 -12.73
N TYR B 92 19.87 24.55 -13.81
CA TYR B 92 20.03 25.97 -14.05
C TYR B 92 18.82 26.51 -14.82
N ALA B 93 17.96 27.26 -14.15
CA ALA B 93 16.73 27.77 -14.75
C ALA B 93 16.92 29.21 -15.20
N GLU B 94 16.30 29.55 -16.33
CA GLU B 94 16.35 30.92 -16.81
C GLU B 94 15.40 31.75 -15.94
N GLY B 95 15.88 32.90 -15.51
CA GLY B 95 15.10 33.73 -14.60
C GLY B 95 16.00 34.71 -13.85
N GLY B 96 15.42 35.32 -12.85
CA GLY B 96 16.13 36.31 -12.06
C GLY B 96 16.07 35.95 -10.59
N SER B 97 17.17 36.21 -9.89
CA SER B 97 17.16 35.97 -8.46
C SER B 97 16.19 36.95 -7.80
N LEU B 98 15.45 36.47 -6.80
CA LEU B 98 14.51 37.37 -6.14
C LEU B 98 15.25 38.58 -5.62
N TYR B 99 16.47 38.37 -5.12
CA TYR B 99 17.28 39.47 -4.59
C TYR B 99 17.49 40.56 -5.63
N ASN B 100 17.89 40.16 -6.85
CA ASN B 100 18.15 41.17 -7.87
C ASN B 100 16.86 41.81 -8.36
N VAL B 101 15.77 41.04 -8.42
CA VAL B 101 14.51 41.63 -8.83
C VAL B 101 14.11 42.71 -7.85
N LEU B 102 14.39 42.50 -6.57
CA LEU B 102 13.95 43.46 -5.57
C LEU B 102 14.88 44.66 -5.49
N HIS B 103 16.20 44.39 -5.46
CA HIS B 103 17.21 45.33 -5.01
C HIS B 103 18.31 45.58 -6.05
N GLY B 104 18.19 45.02 -7.25
CA GLY B 104 19.26 45.14 -8.23
C GLY B 104 19.39 46.52 -8.87
N ALA B 105 20.04 46.55 -10.03
CA ALA B 105 20.38 47.80 -10.69
C ALA B 105 19.13 48.49 -11.23
N GLU B 106 19.14 49.84 -11.14
CA GLU B 106 18.06 50.81 -11.14
C GLU B 106 16.90 50.62 -12.10
N PRO B 107 17.04 50.03 -13.32
CA PRO B 107 15.80 49.76 -14.08
C PRO B 107 15.22 48.44 -13.56
N LEU B 108 14.30 48.52 -12.61
CA LEU B 108 13.76 47.38 -11.88
C LEU B 108 12.29 47.12 -12.24
N PRO B 109 11.85 45.87 -12.22
CA PRO B 109 10.46 45.60 -12.59
C PRO B 109 9.49 46.10 -11.52
N TYR B 110 8.33 46.55 -11.99
CA TYR B 110 7.25 46.94 -11.11
C TYR B 110 6.50 45.68 -10.68
N TYR B 111 6.12 45.61 -9.40
CA TYR B 111 5.33 44.47 -8.96
C TYR B 111 4.29 44.97 -7.95
N THR B 112 3.23 44.18 -7.79
CA THR B 112 2.02 44.54 -7.05
C THR B 112 1.94 43.77 -5.75
N ALA B 113 1.04 44.21 -4.86
CA ALA B 113 0.77 43.48 -3.62
C ALA B 113 0.46 42.01 -3.89
N ALA B 114 -0.32 41.73 -4.95
CA ALA B 114 -0.61 40.35 -5.31
C ALA B 114 0.65 39.59 -5.67
N HIS B 115 1.57 40.21 -6.40
CA HIS B 115 2.84 39.56 -6.70
C HIS B 115 3.62 39.27 -5.42
N ALA B 116 3.68 40.26 -4.52
CA ALA B 116 4.40 40.06 -3.27
C ALA B 116 3.87 38.82 -2.51
N MET B 117 2.55 38.79 -2.28
CA MET B 117 1.97 37.69 -1.50
C MET B 117 2.11 36.36 -2.24
N SER B 118 2.01 36.36 -3.57
CA SER B 118 2.15 35.11 -4.31
C SER B 118 3.57 34.54 -4.18
N TRP B 119 4.59 35.40 -4.31
CA TRP B 119 5.97 34.92 -4.17
C TRP B 119 6.20 34.33 -2.79
N CYS B 120 5.80 35.05 -1.75
CA CYS B 120 6.01 34.52 -0.43
C CYS B 120 5.20 33.24 -0.20
N LEU B 121 3.98 33.16 -0.77
CA LEU B 121 3.20 31.93 -0.62
C LEU B 121 3.92 30.74 -1.24
N GLN B 122 4.40 30.91 -2.48
CA GLN B 122 5.08 29.82 -3.16
C GLN B 122 6.34 29.39 -2.42
N CYS B 123 7.08 30.36 -1.87
CA CYS B 123 8.23 30.03 -1.05
C CYS B 123 7.80 29.17 0.13
N SER B 124 6.73 29.59 0.82
CA SER B 124 6.27 28.80 1.95
C SER B 124 5.82 27.41 1.49
N GLN B 125 5.30 27.28 0.28
CA GLN B 125 4.87 25.95 -0.17
C GLN B 125 6.05 25.03 -0.39
N GLY B 126 7.11 25.53 -1.02
CA GLY B 126 8.31 24.72 -1.19
C GLY B 126 8.93 24.33 0.15
N VAL B 127 8.97 25.27 1.09
CA VAL B 127 9.56 24.93 2.38
C VAL B 127 8.66 24.02 3.20
N ALA B 128 7.33 24.18 3.10
CA ALA B 128 6.43 23.26 3.80
C ALA B 128 6.60 21.84 3.29
N TYR B 129 6.74 21.67 1.97
CA TYR B 129 7.09 20.34 1.46
C TYR B 129 8.38 19.83 2.09
N LEU B 130 9.43 20.66 2.09
CA LEU B 130 10.69 20.23 2.72
C LEU B 130 10.48 19.78 4.16
N HIS B 131 9.73 20.56 4.92
CA HIS B 131 9.48 20.28 6.32
C HIS B 131 8.68 19.00 6.51
N SER B 132 7.86 18.65 5.51
CA SER B 132 6.96 17.50 5.59
C SER B 132 7.62 16.17 5.28
N MET B 133 8.84 16.16 4.74
CA MET B 133 9.46 14.94 4.27
C MET B 133 9.51 13.89 5.39
N GLN B 134 9.37 12.60 4.99
CA GLN B 134 9.26 11.48 5.95
C GLN B 134 10.36 10.43 5.76
N PRO B 135 10.94 9.88 6.85
CA PRO B 135 10.67 10.12 8.29
C PRO B 135 11.20 11.46 8.86
N LYS B 136 12.30 11.97 8.30
CA LYS B 136 13.00 13.13 8.82
C LYS B 136 12.81 14.34 7.92
N ALA B 137 12.47 15.47 8.51
CA ALA B 137 12.33 16.70 7.73
C ALA B 137 13.66 17.10 7.12
N LEU B 138 13.60 17.73 5.95
CA LEU B 138 14.74 18.43 5.38
C LEU B 138 14.54 19.91 5.71
N ILE B 139 15.51 20.51 6.41
CA ILE B 139 15.45 21.91 6.81
C ILE B 139 16.21 22.71 5.76
N HIS B 140 15.66 23.87 5.37
CA HIS B 140 16.35 24.61 4.31
C HIS B 140 17.66 25.19 4.81
N ARG B 141 17.61 25.96 5.90
CA ARG B 141 18.74 26.45 6.69
C ARG B 141 19.32 27.76 6.18
N ASP B 142 18.94 28.22 4.99
CA ASP B 142 19.47 29.48 4.45
C ASP B 142 18.46 30.10 3.51
N LEU B 143 17.25 30.31 4.00
CA LEU B 143 16.18 30.91 3.20
C LEU B 143 16.42 32.41 3.14
N LYS B 144 16.63 32.95 1.94
CA LYS B 144 16.84 34.38 1.74
C LYS B 144 16.77 34.66 0.23
N PRO B 145 16.47 35.89 -0.17
CA PRO B 145 16.15 36.14 -1.60
C PRO B 145 17.28 35.75 -2.56
N PRO B 146 18.56 35.78 -2.15
CA PRO B 146 19.58 35.27 -3.09
C PRO B 146 19.42 33.81 -3.46
N ASN B 147 18.72 33.01 -2.65
CA ASN B 147 18.53 31.59 -2.92
C ASN B 147 17.16 31.26 -3.53
N LEU B 148 16.43 32.27 -4.00
CA LEU B 148 15.12 32.14 -4.61
C LEU B 148 15.14 32.77 -6.01
N LEU B 149 14.43 32.14 -6.93
CA LEU B 149 14.47 32.45 -8.35
C LEU B 149 13.07 32.76 -8.86
N LEU B 150 12.94 33.84 -9.64
CA LEU B 150 11.71 34.16 -10.34
C LEU B 150 11.82 33.68 -11.78
N VAL B 151 10.88 32.83 -12.20
CA VAL B 151 10.80 32.31 -13.55
C VAL B 151 9.39 32.54 -14.10
N ALA B 152 9.20 32.16 -15.37
CA ALA B 152 7.93 32.34 -16.06
C ALA B 152 7.49 33.79 -16.01
N GLY B 153 8.34 34.66 -16.57
CA GLY B 153 8.04 36.07 -16.59
C GLY B 153 7.83 36.67 -15.20
N GLY B 154 8.50 36.13 -14.19
CA GLY B 154 8.38 36.68 -12.85
C GLY B 154 7.15 36.25 -12.09
N THR B 155 6.49 35.17 -12.51
CA THR B 155 5.25 34.74 -11.89
C THR B 155 5.38 33.48 -11.05
N VAL B 156 6.42 32.66 -11.28
CA VAL B 156 6.67 31.45 -10.50
C VAL B 156 7.95 31.65 -9.70
N LEU B 157 7.93 31.27 -8.43
CA LEU B 157 9.13 31.33 -7.60
C LEU B 157 9.61 29.90 -7.32
N LYS B 158 10.93 29.69 -7.37
CA LYS B 158 11.56 28.41 -7.09
C LYS B 158 12.75 28.61 -6.16
N ILE B 159 12.88 27.73 -5.16
CA ILE B 159 14.10 27.60 -4.38
C ILE B 159 15.21 27.05 -5.27
N CYS B 160 16.32 27.80 -5.42
CA CYS B 160 17.42 27.37 -6.30
C CYS B 160 18.73 27.12 -5.57
N ASP B 161 18.73 27.14 -4.25
CA ASP B 161 19.94 26.80 -3.51
C ASP B 161 19.46 26.34 -2.15
N PHE B 162 20.26 25.49 -1.52
CA PHE B 162 19.92 24.95 -0.22
C PHE B 162 21.00 25.33 0.78
N GLY B 163 20.60 25.58 2.01
CA GLY B 163 21.59 25.81 3.03
C GLY B 163 22.31 24.52 3.36
N THR B 164 23.41 24.66 4.09
CA THR B 164 24.20 23.52 4.54
C THR B 164 24.34 23.68 6.05
N ALA B 165 24.89 22.66 6.70
CA ALA B 165 24.90 22.65 8.17
C ALA B 165 26.19 23.27 8.68
N CYS B 166 26.27 24.61 8.62
CA CYS B 166 27.40 25.34 9.19
C CYS B 166 27.22 25.54 10.69
N ASP B 167 28.31 25.34 11.43
CA ASP B 167 28.41 25.89 12.76
C ASP B 167 28.25 27.40 12.71
N ILE B 168 27.78 27.97 13.82
CA ILE B 168 27.68 29.41 13.93
C ILE B 168 29.05 30.06 13.73
N GLN B 169 30.12 29.40 14.18
CA GLN B 169 31.45 29.97 13.98
C GLN B 169 31.72 30.16 12.50
N THR B 170 31.44 29.14 11.70
CA THR B 170 31.67 29.26 10.26
C THR B 170 30.73 30.28 9.63
N HIS B 171 29.56 30.48 10.23
CA HIS B 171 28.68 31.54 9.72
C HIS B 171 29.32 32.90 9.89
N MET B 172 29.93 33.16 11.05
CA MET B 172 30.53 34.48 11.19
C MET B 172 31.91 34.56 10.57
N THR B 173 32.48 33.43 10.17
CA THR B 173 33.82 33.39 9.61
C THR B 173 33.80 33.40 8.08
N ASN B 174 32.67 33.05 7.49
CA ASN B 174 32.50 33.08 6.04
C ASN B 174 31.45 34.12 5.71
N ASN B 175 31.81 35.06 4.86
CA ASN B 175 30.88 36.14 4.54
C ASN B 175 29.86 35.65 3.51
N LYS B 176 29.04 34.69 3.91
CA LYS B 176 27.93 34.35 3.02
C LYS B 176 26.79 35.35 3.16
N GLY B 177 26.84 36.25 4.14
CA GLY B 177 25.85 37.31 4.18
C GLY B 177 24.44 36.93 4.62
N SER B 178 24.29 35.90 5.44
CA SER B 178 22.94 35.44 5.78
C SER B 178 22.43 35.95 7.11
N ALA B 179 23.15 36.84 7.80
CA ALA B 179 22.75 37.21 9.17
C ALA B 179 21.40 37.88 9.19
N ALA B 180 21.06 38.67 8.17
CA ALA B 180 19.80 39.41 8.18
C ALA B 180 18.57 38.53 8.19
N TRP B 181 18.72 37.24 7.89
CA TRP B 181 17.61 36.30 7.79
C TRP B 181 17.70 35.17 8.81
N MET B 182 18.62 35.26 9.78
CA MET B 182 18.98 34.14 10.64
C MET B 182 18.30 34.25 12.00
N ALA B 183 17.56 33.21 12.37
CA ALA B 183 16.86 33.19 13.66
C ALA B 183 17.84 33.32 14.81
N PRO B 184 17.44 33.99 15.89
CA PRO B 184 18.37 34.26 17.01
C PRO B 184 18.92 33.01 17.70
N GLU B 185 18.18 31.90 17.71
CA GLU B 185 18.70 30.72 18.39
C GLU B 185 19.90 30.13 17.66
N VAL B 186 20.07 30.42 16.37
CA VAL B 186 21.28 29.93 15.69
C VAL B 186 22.51 30.63 16.23
N PHE B 187 22.40 31.94 16.47
CA PHE B 187 23.51 32.67 17.08
C PHE B 187 23.95 31.99 18.37
N GLU B 188 23.00 31.47 19.14
CA GLU B 188 23.29 30.88 20.44
C GLU B 188 23.91 29.51 20.33
N GLY B 189 23.92 28.90 19.15
CA GLY B 189 24.44 27.56 19.02
C GLY B 189 23.38 26.51 18.84
N SER B 190 22.11 26.91 18.83
CA SER B 190 21.04 25.93 18.69
C SER B 190 21.10 25.25 17.33
N ASN B 191 20.37 24.14 17.24
CA ASN B 191 20.24 23.40 16.00
C ASN B 191 19.34 24.15 15.02
N TYR B 192 19.73 24.17 13.75
CA TYR B 192 18.81 24.65 12.72
C TYR B 192 17.54 23.83 12.78
N SER B 193 16.39 24.49 12.73
CA SER B 193 15.12 23.80 12.88
C SER B 193 14.08 24.43 11.97
N GLU B 194 12.91 23.78 11.91
CA GLU B 194 11.77 24.29 11.14
C GLU B 194 11.47 25.73 11.49
N LYS B 195 11.55 26.06 12.78
CA LYS B 195 11.24 27.43 13.18
C LYS B 195 12.33 28.42 12.75
N CYS B 196 13.55 27.97 12.47
CA CYS B 196 14.55 28.88 11.89
C CYS B 196 14.16 29.31 10.48
N ASP B 197 13.75 28.33 9.65
CA ASP B 197 13.22 28.64 8.33
C ASP B 197 11.99 29.55 8.44
N VAL B 198 11.17 29.36 9.47
CA VAL B 198 10.03 30.27 9.59
C VAL B 198 10.50 31.69 9.90
N PHE B 199 11.50 31.84 10.77
CA PHE B 199 12.01 33.20 11.01
C PHE B 199 12.45 33.84 9.71
N SER B 200 13.27 33.11 8.94
CA SER B 200 13.74 33.63 7.65
C SER B 200 12.59 34.05 6.78
N TRP B 201 11.52 33.26 6.76
CA TRP B 201 10.36 33.58 5.93
C TRP B 201 9.67 34.87 6.39
N GLY B 202 9.59 35.09 7.70
CA GLY B 202 8.98 36.33 8.15
C GLY B 202 9.78 37.55 7.70
N ILE B 203 11.11 37.43 7.75
CA ILE B 203 11.96 38.52 7.26
C ILE B 203 11.74 38.74 5.76
N ILE B 204 11.72 37.66 4.98
CA ILE B 204 11.48 37.78 3.55
C ILE B 204 10.15 38.45 3.28
N LEU B 205 9.14 38.11 4.05
CA LEU B 205 7.84 38.72 3.82
C LEU B 205 7.92 40.23 3.98
N TRP B 206 8.56 40.69 5.08
CA TRP B 206 8.77 42.14 5.22
C TRP B 206 9.56 42.70 4.04
N GLU B 207 10.61 41.98 3.62
CA GLU B 207 11.48 42.48 2.57
C GLU B 207 10.71 42.69 1.26
N VAL B 208 9.87 41.73 0.89
CA VAL B 208 9.16 41.82 -0.38
C VAL B 208 8.07 42.87 -0.33
N ILE B 209 7.45 43.06 0.85
CA ILE B 209 6.38 44.05 0.94
C ILE B 209 6.94 45.47 0.93
N THR B 210 8.05 45.71 1.63
CA THR B 210 8.60 47.06 1.66
C THR B 210 9.61 47.31 0.56
N ARG B 211 10.08 46.27 -0.11
CA ARG B 211 11.18 46.34 -1.08
C ARG B 211 12.44 46.96 -0.47
N ARG B 212 12.69 46.67 0.80
CA ARG B 212 13.89 47.14 1.49
C ARG B 212 14.74 45.96 1.92
N LYS B 213 16.04 46.23 2.09
CA LYS B 213 16.97 45.22 2.61
C LYS B 213 16.84 45.17 4.13
N PRO B 214 16.53 44.00 4.71
CA PRO B 214 16.33 43.93 6.17
C PRO B 214 17.60 44.28 6.93
N PHE B 215 17.45 45.03 8.02
CA PHE B 215 18.57 45.42 8.88
C PHE B 215 19.64 46.19 8.09
N ASP B 216 19.22 46.90 7.03
CA ASP B 216 20.16 47.66 6.23
C ASP B 216 20.83 48.76 7.04
N GLU B 217 20.14 49.28 8.07
CA GLU B 217 20.68 50.36 8.87
C GLU B 217 21.85 49.94 9.75
N ILE B 218 22.12 48.64 9.87
CA ILE B 218 23.16 48.11 10.74
C ILE B 218 24.34 47.75 9.86
N GLY B 219 25.43 48.48 9.99
CA GLY B 219 26.59 48.14 9.20
C GLY B 219 27.31 46.96 9.83
N GLY B 220 28.63 47.07 9.88
CA GLY B 220 29.49 46.11 10.52
C GLY B 220 29.38 44.73 9.93
N PRO B 221 30.21 43.83 10.41
CA PRO B 221 30.14 42.45 9.94
C PRO B 221 28.86 41.79 10.41
N ALA B 222 28.75 40.50 10.11
CA ALA B 222 27.57 39.74 10.47
C ALA B 222 27.23 39.90 11.94
N PHE B 223 28.27 39.92 12.81
CA PHE B 223 28.02 39.84 14.25
C PHE B 223 27.19 41.01 14.75
N ARG B 224 27.27 42.18 14.11
CA ARG B 224 26.46 43.29 14.57
C ARG B 224 24.98 43.05 14.31
N ILE B 225 24.63 42.49 13.15
CA ILE B 225 23.23 42.15 12.90
C ILE B 225 22.78 41.05 13.85
N MET B 226 23.61 40.01 14.05
CA MET B 226 23.22 38.88 14.89
C MET B 226 22.99 39.33 16.32
N TRP B 227 23.83 40.23 16.83
CA TRP B 227 23.62 40.77 18.17
C TRP B 227 22.37 41.65 18.22
N ALA B 228 22.17 42.51 17.22
CA ALA B 228 20.96 43.32 17.22
C ALA B 228 19.72 42.45 17.24
N VAL B 229 19.71 41.40 16.41
CA VAL B 229 18.55 40.51 16.33
C VAL B 229 18.39 39.75 17.66
N HIS B 230 19.50 39.36 18.28
CA HIS B 230 19.41 38.72 19.60
C HIS B 230 18.86 39.64 20.66
N ASN B 231 19.17 40.94 20.57
CA ASN B 231 18.66 41.91 21.53
C ASN B 231 17.23 42.33 21.24
N GLY B 232 16.59 41.76 20.23
CA GLY B 232 15.19 42.02 19.95
C GLY B 232 14.92 42.91 18.74
N THR B 233 15.95 43.42 18.07
CA THR B 233 15.72 44.26 16.91
C THR B 233 15.00 43.48 15.80
N ARG B 234 14.06 44.14 15.15
CA ARG B 234 13.36 43.51 14.05
C ARG B 234 13.22 44.58 12.98
N PRO B 235 12.88 44.23 11.74
CA PRO B 235 12.60 45.27 10.75
C PRO B 235 11.47 46.14 11.25
N PRO B 236 11.43 47.40 10.83
CA PRO B 236 10.38 48.31 11.33
C PRO B 236 9.00 47.90 10.83
N LEU B 237 7.99 48.22 11.63
CA LEU B 237 6.62 47.91 11.24
C LEU B 237 6.25 48.71 10.01
N ILE B 238 5.24 48.22 9.29
CA ILE B 238 4.87 48.75 7.98
C ILE B 238 3.57 49.52 8.09
N LYS B 239 3.61 50.80 7.70
CA LYS B 239 2.42 51.65 7.70
C LYS B 239 1.31 51.02 6.87
N ASN B 240 0.14 50.89 7.49
CA ASN B 240 -1.11 50.47 6.82
C ASN B 240 -1.09 49.02 6.34
N LEU B 241 -0.27 48.18 6.96
CA LEU B 241 -0.26 46.77 6.61
C LEU B 241 -1.52 46.08 7.14
N PRO B 242 -2.20 45.27 6.33
CA PRO B 242 -3.35 44.50 6.83
C PRO B 242 -3.05 43.69 8.09
N LYS B 243 -3.93 43.81 9.09
CA LYS B 243 -3.70 43.15 10.37
C LYS B 243 -3.45 41.66 10.28
N PRO B 244 -4.12 40.88 9.41
CA PRO B 244 -3.72 39.47 9.28
C PRO B 244 -2.26 39.28 8.89
N ILE B 245 -1.79 40.10 7.94
CA ILE B 245 -0.41 39.99 7.47
C ILE B 245 0.56 40.42 8.55
N GLU B 246 0.28 41.54 9.20
CA GLU B 246 1.14 41.98 10.27
C GLU B 246 1.24 40.93 11.37
N SER B 247 0.14 40.26 11.69
CA SER B 247 0.17 39.26 12.74
C SER B 247 1.02 38.08 12.34
N LEU B 248 0.82 37.56 11.12
CA LEU B 248 1.64 36.45 10.65
C LEU B 248 3.13 36.82 10.67
N MET B 249 3.46 37.99 10.10
CA MET B 249 4.84 38.46 10.04
C MET B 249 5.47 38.51 11.42
N THR B 250 4.80 39.19 12.38
CA THR B 250 5.37 39.37 13.70
C THR B 250 5.38 38.08 14.52
N ARG B 251 4.45 37.15 14.27
CA ARG B 251 4.57 35.85 14.91
C ARG B 251 5.80 35.12 14.39
N CYS B 252 6.12 35.32 13.12
CA CYS B 252 7.31 34.72 12.54
C CYS B 252 8.60 35.27 13.17
N TRP B 253 8.58 36.53 13.63
CA TRP B 253 9.76 37.18 14.19
C TRP B 253 10.05 36.79 15.63
N SER B 254 9.17 35.98 16.26
CA SER B 254 9.20 35.81 17.71
C SER B 254 10.57 35.29 18.17
N LYS B 255 11.10 35.91 19.24
CA LYS B 255 12.30 35.38 19.87
C LYS B 255 12.10 33.92 20.25
N ASP B 256 10.91 33.60 20.79
CA ASP B 256 10.55 32.25 21.20
C ASP B 256 10.15 31.45 19.96
N PRO B 257 10.93 30.44 19.56
CA PRO B 257 10.54 29.65 18.37
C PRO B 257 9.20 28.99 18.52
N SER B 258 8.82 28.60 19.74
CA SER B 258 7.55 27.90 19.90
C SER B 258 6.37 28.82 19.57
N GLN B 259 6.53 30.13 19.75
CA GLN B 259 5.50 31.10 19.43
C GLN B 259 5.43 31.43 17.94
N ARG B 260 6.19 30.74 17.08
CA ARG B 260 6.19 31.00 15.64
C ARG B 260 5.31 29.98 14.93
N PRO B 261 4.53 30.37 13.91
CA PRO B 261 3.76 29.37 13.17
C PRO B 261 4.68 28.35 12.50
N SER B 262 4.06 27.25 12.09
CA SER B 262 4.75 26.29 11.26
C SER B 262 4.56 26.68 9.81
N MET B 263 5.40 26.09 8.93
CA MET B 263 5.25 26.38 7.51
C MET B 263 3.86 25.97 6.99
N GLU B 264 3.25 24.94 7.59
CA GLU B 264 1.92 24.52 7.17
C GLU B 264 0.87 25.59 7.48
N GLU B 265 0.90 26.14 8.70
CA GLU B 265 -0.01 27.22 9.06
C GLU B 265 0.22 28.44 8.18
N ILE B 266 1.49 28.73 7.84
CA ILE B 266 1.77 29.85 6.95
C ILE B 266 1.12 29.62 5.60
N VAL B 267 1.30 28.42 5.04
CA VAL B 267 0.69 28.11 3.74
C VAL B 267 -0.82 28.28 3.83
N LYS B 268 -1.43 27.81 4.91
CA LYS B 268 -2.89 27.89 5.00
C LYS B 268 -3.37 29.33 5.06
N ILE B 269 -2.77 30.15 5.93
CA ILE B 269 -3.19 31.56 6.00
C ILE B 269 -2.91 32.28 4.69
N MET B 270 -1.76 32.02 4.07
CA MET B 270 -1.42 32.72 2.84
C MET B 270 -2.34 32.32 1.70
N THR B 271 -2.68 31.03 1.58
CA THR B 271 -3.63 30.62 0.55
C THR B 271 -4.98 31.26 0.80
N HIS B 272 -5.41 31.31 2.05
CA HIS B 272 -6.66 31.99 2.34
C HIS B 272 -6.61 33.44 1.84
N LEU B 273 -5.55 34.18 2.22
CA LEU B 273 -5.46 35.60 1.85
C LEU B 273 -5.32 35.83 0.37
N MET B 274 -4.83 34.84 -0.40
CA MET B 274 -4.71 35.04 -1.84
C MET B 274 -6.03 35.37 -2.53
N ARG B 275 -7.17 35.12 -1.88
CA ARG B 275 -8.45 35.47 -2.49
C ARG B 275 -8.60 36.98 -2.62
N TYR B 276 -7.92 37.73 -1.76
CA TYR B 276 -7.96 39.18 -1.80
C TYR B 276 -6.80 39.79 -2.57
N PHE B 277 -6.05 39.01 -3.33
CA PHE B 277 -4.91 39.50 -4.11
C PHE B 277 -4.99 38.91 -5.50
N PRO B 278 -5.98 39.33 -6.29
CA PRO B 278 -6.09 38.82 -7.65
C PRO B 278 -5.03 39.44 -8.55
N GLY B 279 -4.70 38.70 -9.60
CA GLY B 279 -3.79 39.19 -10.63
C GLY B 279 -2.35 38.77 -10.44
N ALA B 280 -2.05 37.93 -9.45
CA ALA B 280 -0.67 37.48 -9.26
C ALA B 280 -0.11 36.70 -10.44
N ASP B 281 -0.96 36.31 -11.40
CA ASP B 281 -0.46 35.60 -12.57
C ASP B 281 -0.12 36.53 -13.72
N GLU B 282 -0.29 37.84 -13.55
CA GLU B 282 0.11 38.80 -14.59
C GLU B 282 1.63 38.90 -14.60
N PRO B 283 2.29 38.63 -15.73
CA PRO B 283 3.76 38.71 -15.79
C PRO B 283 4.29 40.11 -15.52
N LEU B 284 5.51 40.18 -15.01
CA LEU B 284 6.18 41.47 -14.86
C LEU B 284 6.53 42.05 -16.23
N GLN B 285 6.29 43.35 -16.41
CA GLN B 285 6.50 43.92 -17.73
C GLN B 285 6.86 45.41 -17.68
N TYR B 286 6.48 46.11 -16.62
CA TYR B 286 6.81 47.52 -16.62
C TYR B 286 7.89 47.83 -15.60
N PRO B 287 8.77 48.79 -15.85
CA PRO B 287 9.64 49.29 -14.80
C PRO B 287 8.86 50.30 -13.97
N CYS B 288 9.44 50.69 -12.82
CA CYS B 288 8.73 51.52 -11.86
C CYS B 288 9.43 52.85 -11.70
N GLN B 289 8.64 53.92 -11.58
CA GLN B 289 9.15 55.25 -11.38
C GLN B 289 9.10 55.62 -9.90
N GLY B 298 9.90 55.94 12.56
CA GLY B 298 9.22 54.81 13.16
C GLY B 298 8.88 53.67 12.22
N ARG B 299 7.69 53.74 11.61
CA ARG B 299 7.31 52.77 10.60
C ARG B 299 7.94 53.12 9.25
N VAL B 300 7.72 52.25 8.26
CA VAL B 300 8.15 52.48 6.89
C VAL B 300 6.96 52.20 5.97
N GLU B 301 6.93 52.87 4.86
CA GLU B 301 5.80 52.68 3.98
C GLU B 301 6.00 51.40 3.18
N PRO B 302 4.92 50.72 2.81
CA PRO B 302 5.07 49.53 1.99
C PRO B 302 5.36 49.94 0.56
N TYR B 303 6.13 49.11 -0.13
CA TYR B 303 6.30 49.39 -1.54
C TYR B 303 5.01 49.11 -2.30
N VAL B 304 4.40 47.93 -2.08
CA VAL B 304 3.19 47.52 -2.80
C VAL B 304 1.96 48.21 -2.21
N ASP B 305 0.83 48.10 -2.92
CA ASP B 305 -0.37 48.88 -2.62
C ASP B 305 -1.46 47.93 -2.15
N PHE B 306 -1.92 48.14 -0.91
CA PHE B 306 -2.91 47.27 -0.29
C PHE B 306 -4.35 47.76 -0.44
N ALA B 307 -4.58 48.86 -1.18
CA ALA B 307 -5.91 49.46 -1.26
C ALA B 307 -6.93 48.46 -1.81
N GLU B 308 -6.59 47.78 -2.90
CA GLU B 308 -7.50 46.79 -3.44
C GLU B 308 -7.81 45.72 -2.42
N PHE B 309 -6.82 45.33 -1.60
CA PHE B 309 -7.09 44.33 -0.58
C PHE B 309 -8.15 44.81 0.39
N TYR B 310 -8.03 46.04 0.89
CA TYR B 310 -9.00 46.53 1.86
C TYR B 310 -10.39 46.59 1.25
N ARG B 311 -10.48 47.01 -0.01
CA ARG B 311 -11.77 47.02 -0.68
C ARG B 311 -12.36 45.62 -0.76
N LEU B 312 -11.57 44.64 -1.24
CA LEU B 312 -12.07 43.27 -1.34
C LEU B 312 -12.41 42.69 0.04
N TRP B 313 -11.70 43.15 1.07
CA TRP B 313 -11.90 42.69 2.45
C TRP B 313 -13.21 43.18 3.03
N SER B 314 -13.60 44.42 2.72
CA SER B 314 -14.86 44.94 3.23
C SER B 314 -16.05 44.11 2.74
N VAL B 315 -15.99 43.63 1.49
CA VAL B 315 -17.07 42.81 0.95
C VAL B 315 -17.36 41.61 1.85
N ASP B 316 -16.32 40.93 2.33
CA ASP B 316 -16.50 39.78 3.21
C ASP B 316 -16.64 40.14 4.69
N HIS B 317 -16.05 41.25 5.14
CA HIS B 317 -15.94 41.61 6.55
C HIS B 317 -16.38 43.05 6.80
N GLY B 318 -17.43 43.52 6.10
CA GLY B 318 -18.04 44.80 6.42
C GLY B 318 -17.61 45.99 5.58
N GLU B 319 -18.53 46.55 4.79
CA GLU B 319 -18.26 47.65 3.85
C GLU B 319 -17.92 48.97 4.55
N VAL C 11 26.72 -34.32 10.08
CA VAL C 11 27.97 -34.56 10.81
C VAL C 11 27.75 -34.70 12.32
N LEU C 12 28.05 -35.91 12.84
CA LEU C 12 27.88 -36.23 14.26
C LEU C 12 28.79 -35.39 15.17
N ASN C 13 28.22 -34.85 16.26
CA ASN C 13 29.04 -34.15 17.25
C ASN C 13 28.31 -33.96 18.59
N PHE C 14 28.04 -35.05 19.31
CA PHE C 14 27.32 -35.01 20.57
C PHE C 14 28.23 -34.86 21.79
N GLU C 15 27.96 -33.82 22.60
CA GLU C 15 28.81 -33.43 23.73
C GLU C 15 28.08 -33.60 25.06
N GLU C 16 28.86 -33.71 26.15
CA GLU C 16 28.31 -33.64 27.51
C GLU C 16 28.51 -32.22 28.01
N ILE C 17 27.44 -31.45 28.10
CA ILE C 17 27.49 -30.01 28.30
C ILE C 17 27.38 -29.68 29.77
N ASP C 18 28.17 -28.71 30.21
CA ASP C 18 28.00 -28.11 31.54
C ASP C 18 26.97 -26.98 31.43
N TYR C 19 25.94 -27.04 32.29
CA TYR C 19 24.84 -26.09 32.20
C TYR C 19 25.25 -24.65 32.46
N LYS C 20 26.35 -24.42 33.19
CA LYS C 20 26.83 -23.06 33.43
C LYS C 20 27.18 -22.32 32.13
N GLU C 21 27.57 -23.05 31.08
CA GLU C 21 27.91 -22.40 29.82
C GLU C 21 26.69 -21.94 29.02
N ILE C 22 25.48 -22.14 29.54
CA ILE C 22 24.24 -21.85 28.81
C ILE C 22 23.56 -20.64 29.44
N GLU C 23 23.12 -19.71 28.62
CA GLU C 23 22.40 -18.52 29.07
C GLU C 23 21.00 -18.60 28.50
N VAL C 24 20.01 -18.81 29.37
CA VAL C 24 18.63 -19.04 28.92
C VAL C 24 17.97 -17.69 28.65
N GLU C 25 17.33 -17.58 27.48
CA GLU C 25 16.78 -16.31 26.99
C GLU C 25 15.36 -16.07 27.50
N GLU C 26 14.41 -16.91 27.08
CA GLU C 26 13.01 -16.78 27.50
C GLU C 26 12.40 -18.16 27.70
N VAL C 27 11.55 -18.28 28.72
CA VAL C 27 10.86 -19.55 28.99
C VAL C 27 9.62 -19.73 28.13
N VAL C 28 9.10 -18.66 27.53
CA VAL C 28 7.93 -18.69 26.66
C VAL C 28 8.39 -18.55 25.21
N GLY C 29 7.87 -19.40 24.32
CA GLY C 29 8.25 -19.38 22.92
C GLY C 29 7.56 -20.41 22.04
N ARG C 30 8.27 -20.86 20.99
CA ARG C 30 7.73 -21.71 19.93
C ARG C 30 7.61 -23.18 20.35
N GLY C 31 8.40 -23.61 21.35
CA GLY C 31 8.49 -25.01 21.70
C GLY C 31 7.55 -25.42 22.82
N ALA C 32 7.59 -26.71 23.16
CA ALA C 32 6.76 -27.29 24.20
C ALA C 32 6.92 -26.49 25.48
N PHE C 33 5.88 -25.71 25.83
CA PHE C 33 6.02 -24.78 26.94
C PHE C 33 6.37 -25.52 28.24
N GLY C 34 7.45 -25.06 28.90
CA GLY C 34 7.90 -25.72 30.11
C GLY C 34 8.82 -26.90 29.86
N VAL C 35 8.89 -27.38 28.62
CA VAL C 35 9.85 -28.40 28.25
C VAL C 35 11.00 -27.79 27.41
N VAL C 36 10.66 -27.05 26.34
CA VAL C 36 11.67 -26.54 25.41
C VAL C 36 11.79 -25.04 25.60
N CYS C 37 13.01 -24.58 25.82
CA CYS C 37 13.37 -23.18 25.98
C CYS C 37 14.39 -22.82 24.90
N LYS C 38 14.41 -21.55 24.51
CA LYS C 38 15.46 -21.04 23.63
C LYS C 38 16.58 -20.44 24.48
N ALA C 39 17.82 -20.83 24.21
CA ALA C 39 18.95 -20.35 24.98
C ALA C 39 20.12 -20.10 24.02
N LYS C 40 21.24 -19.64 24.57
CA LYS C 40 22.47 -19.51 23.79
C LYS C 40 23.59 -20.28 24.49
N TRP C 41 24.41 -20.97 23.70
CA TRP C 41 25.50 -21.78 24.26
C TRP C 41 26.65 -21.81 23.26
N ARG C 42 27.87 -21.67 23.76
CA ARG C 42 29.04 -21.30 22.96
C ARG C 42 28.64 -19.99 22.29
N ALA C 43 28.65 -19.87 20.98
CA ALA C 43 28.07 -18.72 20.32
C ALA C 43 26.72 -19.05 19.69
N LYS C 44 26.30 -20.32 19.73
CA LYS C 44 25.18 -20.81 18.96
C LYS C 44 23.85 -20.57 19.67
N ASP C 45 22.79 -20.40 18.87
CA ASP C 45 21.43 -20.42 19.38
C ASP C 45 20.99 -21.86 19.55
N VAL C 46 20.41 -22.20 20.71
CA VAL C 46 20.07 -23.58 21.01
C VAL C 46 18.65 -23.66 21.56
N ALA C 47 18.11 -24.89 21.51
CA ALA C 47 16.85 -25.25 22.15
C ALA C 47 17.15 -26.28 23.24
N ILE C 48 16.72 -25.98 24.46
CA ILE C 48 16.94 -26.81 25.64
C ILE C 48 15.65 -27.49 26.02
N LYS C 49 15.64 -28.82 26.01
CA LYS C 49 14.50 -29.58 26.50
C LYS C 49 14.86 -30.14 27.87
N GLN C 50 14.31 -29.55 28.94
CA GLN C 50 14.52 -30.10 30.27
C GLN C 50 13.69 -31.37 30.41
N ILE C 51 14.27 -32.39 31.02
CA ILE C 51 13.59 -33.67 31.21
C ILE C 51 13.03 -33.70 32.62
N GLU C 52 11.71 -33.90 32.73
CA GLU C 52 10.97 -33.56 33.94
C GLU C 52 11.04 -34.66 35.00
N SER C 53 10.33 -35.76 34.80
CA SER C 53 10.16 -36.75 35.85
C SER C 53 11.44 -37.55 36.11
N GLU C 54 11.45 -38.26 37.24
CA GLU C 54 12.60 -39.11 37.59
C GLU C 54 12.65 -40.33 36.70
N SER C 55 11.50 -40.93 36.42
CA SER C 55 11.43 -42.04 35.49
C SER C 55 12.06 -41.66 34.15
N GLU C 56 11.68 -40.47 33.65
CA GLU C 56 12.15 -40.02 32.34
C GLU C 56 13.62 -39.61 32.36
N ARG C 57 14.08 -38.93 33.41
CA ARG C 57 15.50 -38.60 33.51
C ARG C 57 16.36 -39.86 33.50
N LYS C 58 15.98 -40.88 34.28
CA LYS C 58 16.70 -42.14 34.30
C LYS C 58 16.79 -42.72 32.89
N ALA C 59 15.63 -42.85 32.24
CA ALA C 59 15.60 -43.41 30.90
C ALA C 59 16.38 -42.55 29.91
N PHE C 60 16.39 -41.23 30.09
CA PHE C 60 17.06 -40.34 29.15
C PHE C 60 18.58 -40.50 29.25
N ILE C 61 19.12 -40.48 30.47
CA ILE C 61 20.55 -40.68 30.60
C ILE C 61 20.94 -42.03 30.04
N VAL C 62 20.13 -43.06 30.32
CA VAL C 62 20.44 -44.39 29.76
C VAL C 62 20.43 -44.34 28.24
N GLU C 63 19.51 -43.57 27.65
CA GLU C 63 19.34 -43.55 26.20
C GLU C 63 20.24 -42.52 25.52
N LEU C 64 21.06 -41.79 26.28
CA LEU C 64 22.05 -40.91 25.68
C LEU C 64 22.97 -41.66 24.73
N ARG C 65 23.22 -42.95 25.01
CA ARG C 65 24.06 -43.73 24.12
C ARG C 65 23.50 -43.73 22.70
N GLN C 66 22.20 -44.07 22.56
CA GLN C 66 21.53 -44.00 21.26
C GLN C 66 21.39 -42.57 20.75
N LEU C 67 20.99 -41.64 21.62
CA LEU C 67 20.69 -40.27 21.18
C LEU C 67 21.91 -39.59 20.57
N SER C 68 23.09 -39.82 21.15
CA SER C 68 24.32 -39.24 20.65
C SER C 68 24.65 -39.69 19.24
N ARG C 69 24.06 -40.79 18.76
CA ARG C 69 24.33 -41.29 17.40
C ARG C 69 23.42 -40.69 16.35
N VAL C 70 22.43 -39.90 16.75
CA VAL C 70 21.38 -39.47 15.81
C VAL C 70 21.94 -38.41 14.87
N ASN C 71 21.76 -38.64 13.57
CA ASN C 71 22.21 -37.70 12.55
C ASN C 71 21.37 -37.93 11.29
N HIS C 72 20.61 -36.93 10.88
CA HIS C 72 19.69 -37.18 9.78
C HIS C 72 19.14 -35.87 9.23
N PRO C 73 18.94 -35.75 7.93
CA PRO C 73 18.55 -34.44 7.37
C PRO C 73 17.19 -33.96 7.85
N ASN C 74 16.30 -34.86 8.29
CA ASN C 74 14.98 -34.49 8.78
C ASN C 74 14.89 -34.59 10.30
N ILE C 75 16.01 -34.41 10.99
CA ILE C 75 16.07 -34.37 12.43
C ILE C 75 17.00 -33.22 12.79
N VAL C 76 16.57 -32.36 13.70
CA VAL C 76 17.44 -31.25 14.09
C VAL C 76 18.76 -31.78 14.68
N LYS C 77 19.78 -30.93 14.61
CA LYS C 77 21.08 -31.24 15.19
C LYS C 77 20.97 -31.37 16.71
N LEU C 78 21.76 -32.28 17.28
CA LEU C 78 21.89 -32.45 18.72
C LEU C 78 23.30 -32.05 19.11
N TYR C 79 23.43 -30.97 19.88
CA TYR C 79 24.74 -30.50 20.32
C TYR C 79 25.25 -31.31 21.50
N GLY C 80 24.36 -31.74 22.39
CA GLY C 80 24.80 -32.51 23.52
C GLY C 80 23.66 -32.75 24.50
N ALA C 81 24.06 -32.99 25.74
CA ALA C 81 23.09 -33.21 26.78
C ALA C 81 23.73 -32.77 28.08
N CYS C 82 22.91 -32.34 29.03
CA CYS C 82 23.39 -31.97 30.34
C CYS C 82 22.84 -32.92 31.38
N LEU C 83 23.62 -33.16 32.44
CA LEU C 83 23.24 -34.11 33.47
C LEU C 83 22.86 -33.46 34.79
N ASN C 84 23.03 -32.14 34.92
CA ASN C 84 22.61 -31.40 36.10
C ASN C 84 22.35 -29.94 35.71
N PRO C 85 21.09 -29.55 35.43
CA PRO C 85 19.86 -30.38 35.40
C PRO C 85 19.81 -31.24 34.15
N VAL C 86 19.08 -32.35 34.16
CA VAL C 86 19.01 -33.20 32.99
C VAL C 86 18.25 -32.49 31.87
N CYS C 87 18.92 -32.30 30.74
CA CYS C 87 18.26 -31.72 29.57
C CYS C 87 19.00 -32.10 28.30
N LEU C 88 18.30 -31.98 27.19
CA LEU C 88 18.85 -32.20 25.87
C LEU C 88 19.07 -30.82 25.24
N VAL C 89 20.19 -30.68 24.53
CA VAL C 89 20.55 -29.41 23.89
C VAL C 89 20.57 -29.67 22.39
N MET C 90 19.63 -29.06 21.66
CA MET C 90 19.56 -29.24 20.21
C MET C 90 19.66 -27.89 19.54
N GLU C 91 19.79 -27.89 18.23
CA GLU C 91 19.86 -26.63 17.51
C GLU C 91 18.52 -25.92 17.56
N TYR C 92 18.55 -24.61 17.78
CA TYR C 92 17.36 -23.80 17.55
C TYR C 92 17.38 -23.42 16.08
N ALA C 93 16.49 -24.01 15.30
CA ALA C 93 16.39 -23.76 13.86
C ALA C 93 15.27 -22.76 13.59
N GLU C 94 15.51 -21.83 12.67
CA GLU C 94 14.52 -20.83 12.33
C GLU C 94 13.46 -21.44 11.44
N GLY C 95 12.20 -21.21 11.76
CA GLY C 95 11.11 -21.82 11.03
C GLY C 95 9.86 -21.81 11.89
N GLY C 96 8.89 -22.58 11.44
CA GLY C 96 7.61 -22.69 12.15
C GLY C 96 7.23 -24.13 12.40
N SER C 97 6.63 -24.38 13.57
CA SER C 97 6.18 -25.72 13.86
C SER C 97 5.07 -26.12 12.89
N LEU C 98 5.04 -27.41 12.55
CA LEU C 98 4.00 -27.87 11.62
C LEU C 98 2.62 -27.58 12.19
N TYR C 99 2.44 -27.71 13.51
CA TYR C 99 1.15 -27.46 14.11
C TYR C 99 0.66 -26.06 13.81
N ASN C 100 1.55 -25.06 13.98
CA ASN C 100 1.15 -23.67 13.79
C ASN C 100 0.92 -23.36 12.31
N VAL C 101 1.69 -23.97 11.42
CA VAL C 101 1.42 -23.82 9.99
C VAL C 101 0.02 -24.34 9.66
N LEU C 102 -0.40 -25.43 10.31
CA LEU C 102 -1.70 -26.00 9.93
C LEU C 102 -2.85 -25.25 10.57
N HIS C 103 -2.75 -24.98 11.86
CA HIS C 103 -3.91 -24.62 12.69
C HIS C 103 -3.76 -23.28 13.38
N GLY C 104 -2.69 -22.54 13.09
CA GLY C 104 -2.44 -21.30 13.81
C GLY C 104 -3.33 -20.13 13.43
N ALA C 105 -2.87 -18.94 13.79
CA ALA C 105 -3.70 -17.74 13.66
C ALA C 105 -3.94 -17.40 12.19
N GLU C 106 -5.18 -16.95 11.90
CA GLU C 106 -5.93 -16.94 10.63
C GLU C 106 -5.19 -16.57 9.37
N PRO C 107 -4.12 -15.71 9.39
CA PRO C 107 -3.36 -15.53 8.13
C PRO C 107 -2.41 -16.71 7.97
N LEU C 108 -2.90 -17.77 7.33
CA LEU C 108 -2.20 -19.06 7.25
C LEU C 108 -1.66 -19.31 5.84
N PRO C 109 -0.54 -20.02 5.72
CA PRO C 109 0.00 -20.29 4.38
C PRO C 109 -0.86 -21.27 3.63
N TYR C 110 -0.94 -21.04 2.31
CA TYR C 110 -1.57 -21.97 1.41
C TYR C 110 -0.57 -23.07 1.09
N TYR C 111 -1.05 -24.32 1.03
CA TYR C 111 -0.15 -25.40 0.66
C TYR C 111 -0.90 -26.41 -0.21
N THR C 112 -0.12 -27.18 -0.97
CA THR C 112 -0.63 -28.09 -1.99
C THR C 112 -0.56 -29.53 -1.50
N ALA C 113 -1.33 -30.39 -2.17
CA ALA C 113 -1.23 -31.83 -1.95
C ALA C 113 0.22 -32.29 -2.02
N ALA C 114 0.99 -31.73 -2.95
CA ALA C 114 2.40 -32.07 -3.03
C ALA C 114 3.12 -31.75 -1.73
N HIS C 115 2.83 -30.59 -1.14
CA HIS C 115 3.43 -30.22 0.14
C HIS C 115 3.02 -31.19 1.23
N ALA C 116 1.73 -31.49 1.30
CA ALA C 116 1.24 -32.41 2.32
C ALA C 116 2.02 -33.71 2.26
N MET C 117 2.08 -34.30 1.06
CA MET C 117 2.74 -35.59 0.90
C MET C 117 4.24 -35.48 1.18
N SER C 118 4.89 -34.40 0.76
CA SER C 118 6.33 -34.28 1.00
C SER C 118 6.65 -34.17 2.48
N TRP C 119 5.86 -33.40 3.23
CA TRP C 119 6.06 -33.29 4.68
C TRP C 119 5.90 -34.65 5.34
N CYS C 120 4.81 -35.36 5.04
CA CYS C 120 4.63 -36.67 5.68
C CYS C 120 5.74 -37.65 5.29
N LEU C 121 6.18 -37.62 4.02
CA LEU C 121 7.28 -38.51 3.63
C LEU C 121 8.53 -38.19 4.44
N GLN C 122 8.88 -36.90 4.55
CA GLN C 122 10.10 -36.53 5.29
C GLN C 122 10.03 -36.94 6.76
N CYS C 123 8.86 -36.77 7.37
CA CYS C 123 8.67 -37.24 8.74
C CYS C 123 8.93 -38.74 8.84
N SER C 124 8.36 -39.52 7.90
CA SER C 124 8.60 -40.96 7.92
C SER C 124 10.06 -41.30 7.68
N GLN C 125 10.80 -40.49 6.89
CA GLN C 125 12.22 -40.78 6.69
C GLN C 125 13.02 -40.58 7.97
N GLY C 126 12.75 -39.50 8.71
CA GLY C 126 13.42 -39.31 10.01
C GLY C 126 13.07 -40.38 11.02
N VAL C 127 11.80 -40.79 11.04
CA VAL C 127 11.39 -41.82 12.00
C VAL C 127 11.96 -43.19 11.60
N ALA C 128 11.99 -43.49 10.30
CA ALA C 128 12.57 -44.77 9.85
C ALA C 128 14.04 -44.84 10.18
N TYR C 129 14.77 -43.74 9.97
CA TYR C 129 16.14 -43.70 10.44
C TYR C 129 16.23 -44.09 11.92
N LEU C 130 15.39 -43.47 12.77
CA LEU C 130 15.42 -43.83 14.19
C LEU C 130 15.15 -45.32 14.40
N HIS C 131 14.12 -45.86 13.74
CA HIS C 131 13.77 -47.27 13.97
C HIS C 131 14.90 -48.19 13.52
N SER C 132 15.61 -47.82 12.47
CA SER C 132 16.62 -48.67 11.88
C SER C 132 17.94 -48.62 12.65
N MET C 133 18.08 -47.70 13.61
CA MET C 133 19.36 -47.51 14.26
C MET C 133 19.86 -48.83 14.84
N GLN C 134 21.18 -49.00 14.79
CA GLN C 134 21.82 -50.22 15.27
C GLN C 134 22.84 -49.88 16.36
N PRO C 135 22.97 -50.73 17.40
CA PRO C 135 22.28 -52.02 17.63
C PRO C 135 20.81 -51.92 18.04
N LYS C 136 20.39 -50.87 18.77
CA LYS C 136 19.03 -50.76 19.30
C LYS C 136 18.27 -49.65 18.59
N ALA C 137 17.03 -49.97 18.18
CA ALA C 137 16.14 -48.99 17.59
C ALA C 137 15.82 -47.87 18.58
N LEU C 138 15.67 -46.66 18.06
CA LEU C 138 15.16 -45.53 18.81
C LEU C 138 13.69 -45.31 18.46
N ILE C 139 12.84 -45.31 19.47
CA ILE C 139 11.41 -45.04 19.29
C ILE C 139 11.18 -43.57 19.59
N HIS C 140 10.42 -42.89 18.73
CA HIS C 140 10.22 -41.46 18.93
C HIS C 140 9.28 -41.20 20.12
N ARG C 141 8.08 -41.78 20.10
CA ARG C 141 7.13 -41.86 21.22
C ARG C 141 6.23 -40.64 21.35
N ASP C 142 6.45 -39.57 20.60
CA ASP C 142 5.58 -38.43 20.73
C ASP C 142 5.56 -37.69 19.39
N LEU C 143 5.16 -38.43 18.36
CA LEU C 143 5.04 -37.93 17.01
C LEU C 143 3.72 -37.18 16.84
N LYS C 144 3.80 -35.88 16.55
CA LYS C 144 2.64 -35.02 16.37
C LYS C 144 3.13 -33.69 15.79
N PRO C 145 2.27 -32.93 15.14
CA PRO C 145 2.72 -31.72 14.43
C PRO C 145 3.41 -30.69 15.32
N PRO C 146 3.05 -30.56 16.62
CA PRO C 146 3.83 -29.62 17.46
C PRO C 146 5.30 -29.99 17.59
N ASN C 147 5.69 -31.26 17.37
CA ASN C 147 7.06 -31.70 17.48
C ASN C 147 7.79 -31.77 16.12
N LEU C 148 7.20 -31.24 15.08
CA LEU C 148 7.79 -31.18 13.75
C LEU C 148 7.92 -29.72 13.34
N LEU C 149 9.02 -29.39 12.66
CA LEU C 149 9.36 -28.03 12.27
C LEU C 149 9.48 -27.94 10.76
N LEU C 150 8.87 -26.91 10.17
CA LEU C 150 9.03 -26.60 8.75
C LEU C 150 10.11 -25.54 8.57
N VAL C 151 11.10 -25.83 7.73
CA VAL C 151 12.18 -24.89 7.42
C VAL C 151 12.29 -24.75 5.90
N ALA C 152 13.21 -23.89 5.47
CA ALA C 152 13.42 -23.59 4.06
C ALA C 152 12.11 -23.22 3.38
N GLY C 153 11.52 -22.11 3.82
CA GLY C 153 10.30 -21.65 3.17
C GLY C 153 9.18 -22.67 3.19
N GLY C 154 9.14 -23.50 4.22
CA GLY C 154 8.06 -24.46 4.36
C GLY C 154 8.21 -25.71 3.55
N THR C 155 9.42 -26.02 3.07
CA THR C 155 9.63 -27.15 2.18
C THR C 155 10.37 -28.32 2.82
N VAL C 156 11.17 -28.08 3.86
CA VAL C 156 11.92 -29.13 4.55
C VAL C 156 11.31 -29.33 5.93
N LEU C 157 11.13 -30.59 6.32
CA LEU C 157 10.56 -30.94 7.61
C LEU C 157 11.63 -31.57 8.51
N LYS C 158 11.59 -31.23 9.79
CA LYS C 158 12.53 -31.80 10.73
C LYS C 158 11.80 -32.19 12.00
N ILE C 159 12.07 -33.38 12.51
CA ILE C 159 11.64 -33.65 13.88
C ILE C 159 12.45 -32.76 14.80
N CYS C 160 11.75 -31.98 15.65
CA CYS C 160 12.44 -31.05 16.53
C CYS C 160 12.20 -31.34 18.00
N ASP C 161 11.60 -32.47 18.30
CA ASP C 161 11.44 -32.85 19.70
C ASP C 161 11.25 -34.35 19.74
N PHE C 162 11.61 -34.95 20.88
CA PHE C 162 11.55 -36.39 21.09
C PHE C 162 10.62 -36.70 22.25
N GLY C 163 9.93 -37.83 22.14
CA GLY C 163 9.17 -38.32 23.27
C GLY C 163 10.08 -38.95 24.31
N THR C 164 9.51 -39.14 25.52
CA THR C 164 10.23 -39.70 26.65
C THR C 164 9.50 -40.84 27.37
N ALA C 165 8.31 -41.24 26.91
CA ALA C 165 7.35 -42.12 27.64
C ALA C 165 6.78 -41.34 28.81
N GLN C 169 4.59 -45.99 30.88
CA GLN C 169 4.60 -45.01 29.78
C GLN C 169 3.31 -44.20 29.81
N THR C 170 2.17 -44.90 29.95
CA THR C 170 0.86 -44.24 29.97
C THR C 170 0.65 -43.38 31.21
N HIS C 171 1.38 -43.61 32.30
CA HIS C 171 1.31 -42.63 33.38
C HIS C 171 1.85 -41.34 32.79
N MET C 172 1.13 -40.83 31.77
CA MET C 172 1.39 -39.55 31.13
C MET C 172 0.72 -38.50 32.00
N THR C 173 1.29 -38.34 33.18
CA THR C 173 0.80 -37.41 34.19
C THR C 173 1.64 -36.13 34.08
N ASN C 174 1.74 -35.73 32.82
CA ASN C 174 2.37 -34.49 32.40
C ASN C 174 1.42 -33.53 31.70
N ASN C 175 0.29 -34.02 31.17
CA ASN C 175 -0.64 -33.21 30.39
C ASN C 175 0.08 -32.68 29.15
N LYS C 176 0.70 -33.61 28.42
CA LYS C 176 1.36 -33.28 27.16
C LYS C 176 0.40 -33.15 25.98
N GLY C 177 -0.87 -33.50 26.13
CA GLY C 177 -1.79 -33.23 25.05
C GLY C 177 -1.59 -34.11 23.83
N SER C 178 -1.02 -35.29 24.01
CA SER C 178 -0.70 -36.16 22.90
C SER C 178 -1.77 -37.21 22.63
N ALA C 179 -2.96 -37.08 23.26
CA ALA C 179 -3.95 -38.15 23.20
C ALA C 179 -4.44 -38.39 21.78
N ALA C 180 -4.62 -37.32 20.99
CA ALA C 180 -5.21 -37.42 19.66
C ALA C 180 -4.34 -38.19 18.66
N TRP C 181 -3.06 -38.42 18.98
CA TRP C 181 -2.11 -39.11 18.11
C TRP C 181 -1.64 -40.42 18.72
N MET C 182 -2.30 -40.90 19.79
CA MET C 182 -1.79 -41.98 20.61
C MET C 182 -2.46 -43.30 20.25
N ALA C 183 -1.65 -44.29 19.90
CA ALA C 183 -2.15 -45.62 19.59
C ALA C 183 -2.83 -46.21 20.81
N PRO C 184 -3.97 -46.90 20.65
CA PRO C 184 -4.74 -47.36 21.82
C PRO C 184 -4.01 -48.33 22.73
N GLU C 185 -3.00 -49.05 22.20
CA GLU C 185 -2.30 -49.99 23.07
C GLU C 185 -1.52 -49.29 24.17
N VAL C 186 -1.18 -48.01 23.99
CA VAL C 186 -0.51 -47.28 25.07
C VAL C 186 -1.48 -46.98 26.20
N PHE C 187 -2.69 -46.52 25.85
CA PHE C 187 -3.72 -46.33 26.86
C PHE C 187 -3.97 -47.60 27.63
N GLU C 188 -3.98 -48.74 26.95
CA GLU C 188 -4.37 -49.98 27.61
C GLU C 188 -3.28 -50.56 28.51
N GLY C 189 -2.02 -50.18 28.34
CA GLY C 189 -1.00 -50.64 29.27
C GLY C 189 0.33 -51.04 28.64
N SER C 190 0.40 -51.07 27.32
CA SER C 190 1.56 -51.62 26.63
C SER C 190 2.69 -50.61 26.53
N ASN C 191 3.89 -51.14 26.32
CA ASN C 191 5.04 -50.29 26.11
C ASN C 191 5.01 -49.71 24.71
N TYR C 192 5.61 -48.53 24.58
CA TYR C 192 5.85 -47.91 23.29
C TYR C 192 6.68 -48.81 22.38
N SER C 193 6.31 -48.84 21.11
CA SER C 193 7.00 -49.63 20.11
C SER C 193 6.97 -48.87 18.79
N GLU C 194 7.68 -49.42 17.80
CA GLU C 194 7.69 -48.82 16.47
C GLU C 194 6.28 -48.60 15.94
N LYS C 195 5.39 -49.56 16.14
CA LYS C 195 4.06 -49.47 15.55
C LYS C 195 3.22 -48.36 16.18
N CYS C 196 3.56 -47.90 17.39
CA CYS C 196 2.91 -46.71 17.93
C CYS C 196 3.29 -45.47 17.12
N ASP C 197 4.58 -45.31 16.80
CA ASP C 197 4.99 -44.21 15.94
C ASP C 197 4.29 -44.31 14.60
N VAL C 198 4.09 -45.52 14.10
CA VAL C 198 3.38 -45.66 12.83
C VAL C 198 1.94 -45.16 12.97
N PHE C 199 1.26 -45.50 14.07
CA PHE C 199 -0.10 -45.01 14.31
C PHE C 199 -0.17 -43.47 14.32
N SER C 200 0.71 -42.86 15.11
CA SER C 200 0.77 -41.39 15.16
C SER C 200 0.99 -40.80 13.78
N TRP C 201 1.84 -41.47 12.98
CA TRP C 201 2.09 -40.97 11.64
C TRP C 201 0.83 -41.04 10.78
N GLY C 202 0.05 -42.11 10.91
CA GLY C 202 -1.20 -42.21 10.16
C GLY C 202 -2.16 -41.07 10.51
N ILE C 203 -2.20 -40.73 11.80
CA ILE C 203 -3.03 -39.59 12.20
C ILE C 203 -2.49 -38.29 11.60
N ILE C 204 -1.17 -38.08 11.61
CA ILE C 204 -0.63 -36.87 11.00
C ILE C 204 -0.98 -36.79 9.53
N LEU C 205 -0.91 -37.92 8.81
CA LEU C 205 -1.25 -37.91 7.37
C LEU C 205 -2.69 -37.45 7.16
N TRP C 206 -3.63 -37.98 7.94
CA TRP C 206 -5.00 -37.45 7.85
C TRP C 206 -5.03 -35.96 8.16
N GLU C 207 -4.34 -35.54 9.23
CA GLU C 207 -4.40 -34.16 9.71
C GLU C 207 -3.91 -33.17 8.67
N VAL C 208 -2.77 -33.46 8.01
CA VAL C 208 -2.25 -32.51 7.02
C VAL C 208 -3.09 -32.54 5.75
N ILE C 209 -3.69 -33.68 5.40
CA ILE C 209 -4.50 -33.70 4.17
C ILE C 209 -5.78 -32.89 4.37
N THR C 210 -6.40 -32.98 5.56
CA THR C 210 -7.65 -32.25 5.77
C THR C 210 -7.46 -30.87 6.41
N ARG C 211 -6.28 -30.55 6.94
CA ARG C 211 -6.06 -29.32 7.72
C ARG C 211 -7.06 -29.20 8.89
N ARG C 212 -7.40 -30.33 9.50
CA ARG C 212 -8.27 -30.35 10.67
C ARG C 212 -7.51 -30.90 11.87
N LYS C 213 -7.98 -30.54 13.06
CA LYS C 213 -7.40 -31.09 14.28
C LYS C 213 -8.00 -32.47 14.53
N PRO C 214 -7.20 -33.53 14.64
CA PRO C 214 -7.77 -34.87 14.84
C PRO C 214 -8.51 -35.00 16.16
N PHE C 215 -9.68 -35.62 16.10
CA PHE C 215 -10.57 -35.83 17.25
C PHE C 215 -11.01 -34.52 17.88
N ASP C 216 -11.01 -33.46 17.07
CA ASP C 216 -11.47 -32.17 17.56
C ASP C 216 -12.94 -32.19 17.94
N GLU C 217 -13.72 -33.07 17.28
CA GLU C 217 -15.12 -33.17 17.59
C GLU C 217 -15.39 -33.79 18.95
N ILE C 218 -14.38 -34.34 19.62
CA ILE C 218 -14.52 -34.89 20.96
C ILE C 218 -13.90 -33.90 21.92
N GLY C 219 -14.72 -33.26 22.73
CA GLY C 219 -14.20 -32.32 23.69
C GLY C 219 -13.59 -33.05 24.86
N GLY C 220 -13.90 -32.56 26.06
CA GLY C 220 -13.48 -33.14 27.31
C GLY C 220 -11.98 -33.17 27.42
N PRO C 221 -11.49 -33.58 28.58
CA PRO C 221 -10.04 -33.72 28.75
C PRO C 221 -9.50 -34.87 27.90
N ALA C 222 -8.20 -35.12 28.04
CA ALA C 222 -7.54 -36.15 27.26
C ALA C 222 -8.26 -37.48 27.35
N PHE C 223 -8.78 -37.81 28.53
CA PHE C 223 -9.29 -39.16 28.74
C PHE C 223 -10.45 -39.48 27.81
N ARG C 224 -11.23 -38.47 27.41
CA ARG C 224 -12.33 -38.74 26.49
C ARG C 224 -11.80 -39.18 25.13
N ILE C 225 -10.73 -38.53 24.66
CA ILE C 225 -10.14 -38.94 23.40
C ILE C 225 -9.56 -40.34 23.53
N MET C 226 -8.83 -40.59 24.62
CA MET C 226 -8.16 -41.88 24.75
C MET C 226 -9.17 -43.02 24.81
N TRP C 227 -10.30 -42.79 25.48
CA TRP C 227 -11.36 -43.78 25.51
C TRP C 227 -11.99 -43.96 24.13
N ALA C 228 -12.25 -42.85 23.41
CA ALA C 228 -12.85 -42.99 22.10
C ALA C 228 -11.98 -43.83 21.19
N VAL C 229 -10.68 -43.55 21.14
CA VAL C 229 -9.86 -44.35 20.22
C VAL C 229 -9.68 -45.77 20.74
N HIS C 230 -9.63 -45.98 22.07
CA HIS C 230 -9.55 -47.36 22.53
C HIS C 230 -10.77 -48.13 22.06
N ASN C 231 -11.92 -47.44 21.98
CA ASN C 231 -13.18 -47.96 21.51
C ASN C 231 -13.30 -48.03 20.00
N GLY C 232 -12.26 -47.67 19.26
CA GLY C 232 -12.27 -47.85 17.82
C GLY C 232 -12.52 -46.59 17.01
N THR C 233 -12.80 -45.46 17.65
CA THR C 233 -13.01 -44.23 16.87
C THR C 233 -11.74 -43.88 16.11
N ARG C 234 -11.93 -43.36 14.87
CA ARG C 234 -10.84 -42.89 14.02
C ARG C 234 -11.30 -41.59 13.38
N PRO C 235 -10.39 -40.81 12.78
CA PRO C 235 -10.84 -39.65 12.02
C PRO C 235 -11.76 -40.08 10.90
N PRO C 236 -12.65 -39.20 10.43
CA PRO C 236 -13.54 -39.58 9.31
C PRO C 236 -12.74 -39.80 8.03
N LEU C 237 -13.27 -40.66 7.16
CA LEU C 237 -12.60 -40.87 5.87
C LEU C 237 -12.70 -39.61 5.01
N ILE C 238 -11.83 -39.54 4.01
CA ILE C 238 -11.63 -38.33 3.22
C ILE C 238 -12.27 -38.50 1.84
N LYS C 239 -13.15 -37.57 1.48
CA LYS C 239 -13.81 -37.54 0.17
C LYS C 239 -12.80 -37.55 -0.96
N ASN C 240 -12.93 -38.52 -1.86
CA ASN C 240 -12.16 -38.58 -3.12
C ASN C 240 -10.66 -38.72 -2.86
N LEU C 241 -10.32 -39.36 -1.77
CA LEU C 241 -8.92 -39.63 -1.50
C LEU C 241 -8.43 -40.78 -2.37
N PRO C 242 -7.28 -40.64 -3.05
CA PRO C 242 -6.72 -41.77 -3.82
C PRO C 242 -6.57 -43.03 -2.98
N LYS C 243 -7.14 -44.13 -3.50
CA LYS C 243 -7.17 -45.37 -2.73
C LYS C 243 -5.79 -45.84 -2.27
N PRO C 244 -4.68 -45.68 -3.02
CA PRO C 244 -3.39 -46.04 -2.41
C PRO C 244 -3.12 -45.29 -1.11
N ILE C 245 -3.44 -43.99 -1.08
CA ILE C 245 -3.26 -43.22 0.15
C ILE C 245 -4.24 -43.67 1.23
N GLU C 246 -5.52 -43.87 0.88
CA GLU C 246 -6.47 -44.35 1.87
C GLU C 246 -6.01 -45.68 2.46
N SER C 247 -5.44 -46.55 1.63
CA SER C 247 -4.98 -47.83 2.16
C SER C 247 -3.82 -47.65 3.12
N LEU C 248 -2.80 -46.89 2.72
CA LEU C 248 -1.67 -46.65 3.64
C LEU C 248 -2.14 -46.05 4.96
N MET C 249 -2.97 -44.99 4.87
CA MET C 249 -3.48 -44.28 6.04
C MET C 249 -4.24 -45.21 6.98
N THR C 250 -5.30 -45.86 6.47
CA THR C 250 -6.13 -46.66 7.37
C THR C 250 -5.40 -47.90 7.87
N ARG C 251 -4.41 -48.42 7.10
CA ARG C 251 -3.59 -49.50 7.66
C ARG C 251 -2.78 -49.01 8.84
N CYS C 252 -2.34 -47.74 8.78
CA CYS C 252 -1.59 -47.15 9.88
C CYS C 252 -2.43 -47.03 11.15
N TRP C 253 -3.76 -46.90 11.02
CA TRP C 253 -4.66 -46.72 12.16
C TRP C 253 -5.00 -48.02 12.88
N SER C 254 -4.58 -49.18 12.38
CA SER C 254 -5.16 -50.45 12.83
C SER C 254 -5.08 -50.62 14.34
N LYS C 255 -6.17 -51.15 14.91
CA LYS C 255 -6.13 -51.62 16.30
C LYS C 255 -4.99 -52.62 16.50
N ASP C 256 -4.82 -53.54 15.57
CA ASP C 256 -3.77 -54.55 15.64
C ASP C 256 -2.45 -53.96 15.16
N PRO C 257 -1.44 -53.81 16.02
CA PRO C 257 -0.16 -53.23 15.56
C PRO C 257 0.49 -54.02 14.43
N SER C 258 0.29 -55.35 14.39
CA SER C 258 0.91 -56.16 13.33
C SER C 258 0.34 -55.83 11.96
N GLN C 259 -0.92 -55.39 11.89
CA GLN C 259 -1.54 -55.01 10.63
C GLN C 259 -1.13 -53.60 10.17
N ARG C 260 -0.19 -52.93 10.86
CA ARG C 260 0.26 -51.59 10.48
C ARG C 260 1.56 -51.69 9.71
N PRO C 261 1.80 -50.94 8.65
CA PRO C 261 3.10 -51.03 7.97
C PRO C 261 4.24 -50.66 8.92
N SER C 262 5.45 -50.96 8.50
CA SER C 262 6.61 -50.45 9.19
C SER C 262 6.94 -49.07 8.64
N MET C 263 7.73 -48.32 9.40
CA MET C 263 8.11 -47.00 8.94
C MET C 263 8.90 -47.10 7.63
N GLU C 264 9.65 -48.19 7.45
CA GLU C 264 10.38 -48.38 6.20
C GLU C 264 9.44 -48.62 5.03
N GLU C 265 8.41 -49.44 5.23
CA GLU C 265 7.42 -49.62 4.16
C GLU C 265 6.75 -48.30 3.82
N ILE C 266 6.44 -47.50 4.84
CA ILE C 266 5.80 -46.21 4.61
C ILE C 266 6.69 -45.34 3.74
N VAL C 267 7.99 -45.30 4.06
CA VAL C 267 8.93 -44.52 3.27
C VAL C 267 8.90 -44.96 1.81
N LYS C 268 8.90 -46.28 1.58
CA LYS C 268 8.94 -46.78 0.20
C LYS C 268 7.66 -46.42 -0.56
N ILE C 269 6.50 -46.63 0.06
CA ILE C 269 5.24 -46.27 -0.62
C ILE C 269 5.17 -44.77 -0.90
N MET C 270 5.53 -43.94 0.08
CA MET C 270 5.38 -42.48 -0.05
C MET C 270 6.37 -41.93 -1.08
N THR C 271 7.59 -42.47 -1.09
CA THR C 271 8.56 -42.08 -2.09
C THR C 271 8.06 -42.40 -3.48
N HIS C 272 7.51 -43.61 -3.65
CA HIS C 272 6.94 -43.94 -4.95
C HIS C 272 5.85 -42.94 -5.35
N LEU C 273 4.88 -42.71 -4.45
CA LEU C 273 3.75 -41.84 -4.79
C LEU C 273 4.17 -40.40 -5.05
N MET C 274 5.35 -39.98 -4.55
CA MET C 274 5.79 -38.59 -4.86
C MET C 274 5.84 -38.34 -6.36
N ARG C 275 5.81 -39.39 -7.17
CA ARG C 275 5.82 -39.20 -8.61
C ARG C 275 4.56 -38.50 -9.08
N TYR C 276 3.45 -38.67 -8.34
CA TYR C 276 2.18 -38.03 -8.65
C TYR C 276 1.98 -36.73 -7.89
N PHE C 277 3.02 -36.21 -7.24
CA PHE C 277 2.94 -34.98 -6.45
C PHE C 277 4.16 -34.12 -6.74
N PRO C 278 4.24 -33.54 -7.93
CA PRO C 278 5.35 -32.63 -8.24
C PRO C 278 5.17 -31.26 -7.59
N GLY C 279 6.31 -30.58 -7.39
CA GLY C 279 6.27 -29.19 -6.95
C GLY C 279 6.37 -28.97 -5.46
N ALA C 280 6.61 -30.03 -4.69
CA ALA C 280 6.78 -29.92 -3.25
C ALA C 280 7.98 -29.06 -2.87
N ASP C 281 8.84 -28.69 -3.84
CA ASP C 281 9.96 -27.80 -3.57
C ASP C 281 9.60 -26.33 -3.77
N GLU C 282 8.35 -26.02 -4.13
CA GLU C 282 7.92 -24.63 -4.24
C GLU C 282 7.69 -24.03 -2.85
N PRO C 283 8.37 -22.95 -2.48
CA PRO C 283 8.20 -22.40 -1.13
C PRO C 283 6.76 -21.96 -0.87
N LEU C 284 6.36 -22.00 0.40
CA LEU C 284 5.09 -21.41 0.81
C LEU C 284 5.20 -19.91 0.63
N GLN C 285 4.15 -19.29 0.09
CA GLN C 285 4.32 -17.92 -0.32
C GLN C 285 3.01 -17.13 -0.29
N TYR C 286 1.88 -17.81 -0.48
CA TYR C 286 0.63 -17.08 -0.50
C TYR C 286 -0.23 -17.50 0.67
N PRO C 287 -1.05 -16.60 1.19
CA PRO C 287 -2.16 -17.00 2.07
C PRO C 287 -3.36 -17.43 1.24
N CYS C 288 -4.34 -18.05 1.93
CA CYS C 288 -5.57 -18.54 1.31
C CYS C 288 -6.77 -18.04 2.09
N GLN C 289 -7.85 -17.69 1.37
CA GLN C 289 -9.13 -17.32 2.02
C GLN C 289 -10.11 -18.49 1.92
N GLY C 298 -21.01 -37.18 7.00
CA GLY C 298 -20.24 -38.42 7.06
C GLY C 298 -18.74 -38.23 6.89
N ARG C 299 -18.29 -38.23 5.64
CA ARG C 299 -16.89 -38.00 5.31
C ARG C 299 -16.58 -36.50 5.45
N VAL C 300 -15.31 -36.14 5.21
CA VAL C 300 -14.88 -34.75 5.22
C VAL C 300 -14.10 -34.49 3.95
N GLU C 301 -14.18 -33.25 3.47
CA GLU C 301 -13.47 -32.90 2.26
C GLU C 301 -12.00 -32.65 2.62
N PRO C 302 -11.07 -32.95 1.71
CA PRO C 302 -9.67 -32.60 1.98
C PRO C 302 -9.39 -31.13 1.74
N TYR C 303 -8.45 -30.61 2.53
CA TYR C 303 -7.96 -29.27 2.23
C TYR C 303 -7.21 -29.26 0.91
N VAL C 304 -6.35 -30.25 0.68
CA VAL C 304 -5.59 -30.29 -0.56
C VAL C 304 -6.46 -30.83 -1.70
N ASP C 305 -5.97 -30.68 -2.93
CA ASP C 305 -6.70 -30.98 -4.16
C ASP C 305 -5.93 -32.07 -4.91
N PHE C 306 -6.59 -33.22 -5.14
CA PHE C 306 -5.98 -34.40 -5.76
C PHE C 306 -6.25 -34.50 -7.27
N ALA C 307 -6.84 -33.48 -7.91
CA ALA C 307 -7.10 -33.57 -9.34
C ALA C 307 -5.82 -33.86 -10.12
N GLU C 308 -4.74 -33.12 -9.82
CA GLU C 308 -3.47 -33.36 -10.47
C GLU C 308 -2.96 -34.78 -10.23
N PHE C 309 -3.23 -35.35 -9.04
CA PHE C 309 -2.86 -36.74 -8.81
C PHE C 309 -3.52 -37.64 -9.83
N TYR C 310 -4.82 -37.43 -10.02
CA TYR C 310 -5.58 -38.28 -10.94
C TYR C 310 -5.12 -38.11 -12.39
N ARG C 311 -4.83 -36.88 -12.82
CA ARG C 311 -4.29 -36.71 -14.17
C ARG C 311 -2.96 -37.45 -14.34
N LEU C 312 -2.03 -37.27 -13.39
CA LEU C 312 -0.75 -37.97 -13.50
C LEU C 312 -0.93 -39.49 -13.41
N TRP C 313 -1.94 -39.95 -12.67
CA TRP C 313 -2.19 -41.39 -12.60
C TRP C 313 -2.65 -41.91 -13.96
N SER C 314 -3.51 -41.14 -14.65
CA SER C 314 -3.92 -41.54 -15.99
C SER C 314 -2.74 -41.53 -16.96
N VAL C 315 -1.89 -40.51 -16.88
CA VAL C 315 -0.70 -40.47 -17.75
C VAL C 315 0.12 -41.75 -17.61
N ASP C 316 0.22 -42.28 -16.38
CA ASP C 316 0.96 -43.54 -16.23
C ASP C 316 0.13 -44.77 -16.60
N HIS C 317 -1.19 -44.76 -16.41
CA HIS C 317 -1.95 -46.01 -16.43
C HIS C 317 -3.16 -46.05 -17.35
N GLY C 318 -3.57 -44.93 -17.97
CA GLY C 318 -4.70 -44.79 -18.88
C GLY C 318 -6.00 -44.45 -18.15
N GLU C 319 -6.89 -43.74 -18.86
CA GLU C 319 -8.23 -43.43 -18.34
C GLU C 319 -9.16 -44.66 -18.38
N ASN D 13 -17.38 -1.46 -57.27
CA ASN D 13 -18.32 -0.81 -58.19
C ASN D 13 -19.64 -0.47 -57.50
N PHE D 14 -19.94 0.83 -57.43
CA PHE D 14 -21.13 1.35 -56.77
C PHE D 14 -22.33 1.20 -57.70
N GLU D 15 -23.38 0.52 -57.22
CA GLU D 15 -24.50 0.06 -58.04
C GLU D 15 -25.80 0.76 -57.63
N GLU D 16 -26.78 0.71 -58.55
CA GLU D 16 -28.14 1.18 -58.29
C GLU D 16 -28.96 -0.02 -57.86
N ILE D 17 -29.27 -0.11 -56.58
CA ILE D 17 -29.81 -1.34 -56.01
C ILE D 17 -31.33 -1.28 -55.97
N ASP D 18 -31.95 -2.38 -56.34
CA ASP D 18 -33.38 -2.54 -56.08
C ASP D 18 -33.71 -3.07 -54.69
N TYR D 19 -34.53 -2.27 -53.97
CA TYR D 19 -34.93 -2.53 -52.60
C TYR D 19 -35.60 -3.89 -52.48
N LYS D 20 -36.19 -4.38 -53.56
CA LYS D 20 -36.69 -5.74 -53.59
C LYS D 20 -35.55 -6.73 -53.42
N GLU D 21 -34.33 -6.37 -53.83
CA GLU D 21 -33.20 -7.28 -53.64
C GLU D 21 -32.71 -7.31 -52.20
N ILE D 22 -33.33 -6.54 -51.29
CA ILE D 22 -32.91 -6.42 -49.90
C ILE D 22 -33.99 -7.02 -49.00
N GLU D 23 -33.55 -7.83 -48.03
CA GLU D 23 -34.43 -8.43 -47.02
C GLU D 23 -33.98 -7.94 -45.65
N VAL D 24 -34.84 -7.17 -44.99
CA VAL D 24 -34.45 -6.50 -43.75
C VAL D 24 -34.56 -7.47 -42.57
N GLU D 25 -33.49 -7.53 -41.75
CA GLU D 25 -33.37 -8.51 -40.68
C GLU D 25 -34.05 -7.99 -39.41
N GLU D 26 -33.52 -6.90 -38.84
CA GLU D 26 -34.03 -6.35 -37.60
C GLU D 26 -33.98 -4.84 -37.65
N VAL D 27 -34.99 -4.20 -37.06
CA VAL D 27 -34.94 -2.75 -36.96
C VAL D 27 -34.12 -2.31 -35.74
N VAL D 28 -33.88 -3.19 -34.77
CA VAL D 28 -33.12 -2.89 -33.56
C VAL D 28 -31.75 -3.53 -33.66
N GLY D 29 -30.70 -2.74 -33.39
CA GLY D 29 -29.33 -3.23 -33.50
C GLY D 29 -28.25 -2.22 -33.15
N ARG D 30 -27.10 -2.31 -33.82
CA ARG D 30 -25.91 -1.54 -33.44
C ARG D 30 -25.97 -0.09 -33.91
N GLY D 31 -26.71 0.20 -34.98
CA GLY D 31 -26.69 1.51 -35.58
C GLY D 31 -27.84 2.40 -35.10
N ALA D 32 -27.82 3.64 -35.59
CA ALA D 32 -28.81 4.66 -35.27
C ALA D 32 -30.23 4.15 -35.53
N PHE D 33 -31.01 3.99 -34.46
CA PHE D 33 -32.34 3.40 -34.58
C PHE D 33 -33.25 4.27 -35.44
N GLY D 34 -33.88 3.65 -36.44
CA GLY D 34 -34.72 4.38 -37.38
C GLY D 34 -33.96 5.02 -38.52
N VAL D 35 -32.62 5.05 -38.44
CA VAL D 35 -31.76 5.51 -39.52
C VAL D 35 -30.98 4.35 -40.16
N VAL D 36 -30.27 3.56 -39.36
CA VAL D 36 -29.40 2.48 -39.87
C VAL D 36 -30.03 1.14 -39.51
N CYS D 37 -30.13 0.26 -40.50
CA CYS D 37 -30.68 -1.07 -40.35
C CYS D 37 -29.66 -2.12 -40.76
N LYS D 38 -29.71 -3.30 -40.15
CA LYS D 38 -28.93 -4.44 -40.62
C LYS D 38 -29.79 -5.30 -41.54
N ALA D 39 -29.27 -5.61 -42.74
CA ALA D 39 -30.02 -6.42 -43.69
C ALA D 39 -29.05 -7.33 -44.44
N LYS D 40 -29.62 -8.14 -45.34
CA LYS D 40 -28.84 -8.96 -46.25
C LYS D 40 -29.20 -8.58 -47.68
N TRP D 41 -28.20 -8.51 -48.54
CA TRP D 41 -28.39 -8.15 -49.95
C TRP D 41 -27.33 -8.84 -50.80
N ARG D 42 -27.76 -9.40 -51.94
CA ARG D 42 -26.99 -10.37 -52.71
C ARG D 42 -26.70 -11.51 -51.74
N ALA D 43 -25.44 -11.87 -51.48
CA ALA D 43 -25.14 -12.81 -50.41
C ALA D 43 -24.57 -12.10 -49.19
N LYS D 44 -24.33 -10.79 -49.27
CA LYS D 44 -23.57 -10.03 -48.29
C LYS D 44 -24.44 -9.52 -47.14
N ASP D 45 -23.80 -9.31 -45.98
CA ASP D 45 -24.39 -8.57 -44.88
C ASP D 45 -24.18 -7.09 -45.14
N VAL D 46 -25.26 -6.30 -45.02
CA VAL D 46 -25.18 -4.88 -45.33
C VAL D 46 -25.86 -4.07 -44.25
N ALA D 47 -25.56 -2.78 -44.25
CA ALA D 47 -26.23 -1.78 -43.46
C ALA D 47 -26.93 -0.81 -44.41
N ILE D 48 -28.21 -0.60 -44.18
CA ILE D 48 -29.01 0.32 -44.98
C ILE D 48 -29.23 1.58 -44.15
N LYS D 49 -28.80 2.72 -44.69
CA LYS D 49 -29.07 4.01 -44.09
C LYS D 49 -30.13 4.69 -44.96
N GLN D 50 -31.36 4.76 -44.45
CA GLN D 50 -32.40 5.52 -45.16
C GLN D 50 -32.17 7.01 -44.95
N ILE D 51 -32.38 7.80 -46.00
CA ILE D 51 -32.22 9.25 -45.98
C ILE D 51 -33.60 9.85 -45.77
N GLU D 52 -33.75 10.66 -44.72
CA GLU D 52 -35.10 10.97 -44.22
C GLU D 52 -35.81 12.10 -44.94
N SER D 53 -35.46 13.35 -44.65
CA SER D 53 -36.28 14.48 -45.11
C SER D 53 -36.12 14.72 -46.61
N GLU D 54 -36.95 15.63 -47.15
CA GLU D 54 -36.89 15.91 -48.57
C GLU D 54 -35.61 16.65 -48.95
N SER D 55 -35.19 17.63 -48.15
CA SER D 55 -33.92 18.33 -48.39
C SER D 55 -32.75 17.37 -48.40
N GLU D 56 -32.73 16.44 -47.43
CA GLU D 56 -31.62 15.50 -47.30
C GLU D 56 -31.59 14.53 -48.45
N ARG D 57 -32.75 14.03 -48.88
CA ARG D 57 -32.80 13.14 -50.05
C ARG D 57 -32.31 13.87 -51.30
N LYS D 58 -32.76 15.12 -51.51
CA LYS D 58 -32.28 15.92 -52.64
C LYS D 58 -30.75 16.06 -52.60
N ALA D 59 -30.21 16.50 -51.46
CA ALA D 59 -28.77 16.68 -51.34
C ALA D 59 -28.02 15.35 -51.51
N PHE D 60 -28.61 14.26 -51.04
CA PHE D 60 -27.94 12.96 -51.11
C PHE D 60 -27.90 12.46 -52.55
N ILE D 61 -29.01 12.57 -53.28
CA ILE D 61 -29.00 12.15 -54.68
C ILE D 61 -27.94 12.94 -55.43
N VAL D 62 -27.82 14.23 -55.12
CA VAL D 62 -26.75 15.03 -55.73
C VAL D 62 -25.38 14.49 -55.34
N GLU D 63 -25.18 14.13 -54.06
CA GLU D 63 -23.85 13.78 -53.57
C GLU D 63 -23.49 12.32 -53.81
N LEU D 64 -24.39 11.58 -54.46
CA LEU D 64 -24.07 10.23 -54.89
C LEU D 64 -22.81 10.22 -55.76
N ARG D 65 -22.55 11.32 -56.48
CA ARG D 65 -21.37 11.40 -57.33
C ARG D 65 -20.08 11.17 -56.54
N GLN D 66 -19.89 11.92 -55.48
CA GLN D 66 -18.75 11.68 -54.60
C GLN D 66 -18.86 10.34 -53.88
N LEU D 67 -20.05 9.99 -53.38
CA LEU D 67 -20.18 8.78 -52.57
C LEU D 67 -19.79 7.51 -53.34
N SER D 68 -20.13 7.42 -54.62
CA SER D 68 -19.73 6.24 -55.38
C SER D 68 -18.23 6.12 -55.49
N ARG D 69 -17.50 7.23 -55.34
CA ARG D 69 -16.04 7.24 -55.45
C ARG D 69 -15.34 7.04 -54.10
N VAL D 70 -16.07 6.94 -52.99
CA VAL D 70 -15.45 6.87 -51.67
C VAL D 70 -14.80 5.51 -51.48
N ASN D 71 -13.49 5.52 -51.16
CA ASN D 71 -12.71 4.30 -50.95
C ASN D 71 -11.48 4.64 -50.12
N HIS D 72 -11.36 4.04 -48.93
CA HIS D 72 -10.28 4.39 -48.00
C HIS D 72 -10.24 3.36 -46.87
N PRO D 73 -9.07 3.03 -46.31
CA PRO D 73 -8.99 1.94 -45.32
C PRO D 73 -9.76 2.17 -44.02
N ASN D 74 -10.04 3.42 -43.64
CA ASN D 74 -10.78 3.71 -42.42
C ASN D 74 -12.24 4.09 -42.67
N ILE D 75 -12.83 3.58 -43.75
CA ILE D 75 -14.24 3.79 -44.05
C ILE D 75 -14.82 2.48 -44.55
N VAL D 76 -15.98 2.08 -44.03
CA VAL D 76 -16.60 0.84 -44.52
C VAL D 76 -16.90 0.97 -46.02
N LYS D 77 -16.98 -0.18 -46.68
CA LYS D 77 -17.28 -0.21 -48.10
C LYS D 77 -18.69 0.30 -48.39
N LEU D 78 -18.86 0.96 -49.54
CA LEU D 78 -20.17 1.41 -50.01
C LEU D 78 -20.53 0.59 -51.25
N TYR D 79 -21.55 -0.27 -51.12
CA TYR D 79 -21.93 -1.14 -52.22
C TYR D 79 -22.83 -0.46 -53.26
N GLY D 80 -23.72 0.43 -52.83
CA GLY D 80 -24.57 1.11 -53.78
C GLY D 80 -25.56 2.03 -53.10
N ALA D 81 -26.61 2.37 -53.84
CA ALA D 81 -27.67 3.25 -53.36
C ALA D 81 -28.95 2.92 -54.11
N CYS D 82 -30.07 3.21 -53.46
CA CYS D 82 -31.40 3.02 -54.05
C CYS D 82 -32.09 4.38 -54.16
N LEU D 83 -33.03 4.49 -55.10
CA LEU D 83 -33.79 5.74 -55.25
C LEU D 83 -35.24 5.61 -54.83
N ASN D 84 -35.71 4.40 -54.51
CA ASN D 84 -37.03 4.22 -53.90
C ASN D 84 -37.01 2.97 -53.02
N PRO D 85 -36.85 3.14 -51.70
CA PRO D 85 -36.67 4.42 -50.98
C PRO D 85 -35.25 4.97 -51.13
N VAL D 86 -35.00 6.26 -50.98
CA VAL D 86 -33.64 6.77 -51.05
C VAL D 86 -32.87 6.25 -49.85
N CYS D 87 -31.81 5.48 -50.09
CA CYS D 87 -30.99 4.98 -49.00
C CYS D 87 -29.60 4.62 -49.52
N LEU D 88 -28.65 4.55 -48.59
CA LEU D 88 -27.28 4.15 -48.86
C LEU D 88 -27.10 2.72 -48.36
N VAL D 89 -26.40 1.92 -49.15
CA VAL D 89 -26.16 0.51 -48.82
C VAL D 89 -24.65 0.34 -48.62
N MET D 90 -24.25 0.08 -47.38
CA MET D 90 -22.85 -0.04 -47.02
C MET D 90 -22.54 -1.38 -46.37
N GLU D 91 -21.25 -1.58 -46.13
CA GLU D 91 -20.76 -2.80 -45.51
C GLU D 91 -21.23 -2.88 -44.06
N TYR D 92 -21.74 -4.05 -43.66
CA TYR D 92 -21.92 -4.36 -42.24
C TYR D 92 -20.64 -5.02 -41.75
N ALA D 93 -19.83 -4.27 -41.00
CA ALA D 93 -18.55 -4.75 -40.52
C ALA D 93 -18.69 -5.25 -39.08
N GLU D 94 -18.00 -6.35 -38.77
CA GLU D 94 -18.09 -6.97 -37.45
C GLU D 94 -17.24 -6.21 -36.43
N GLY D 95 -17.84 -5.89 -35.29
CA GLY D 95 -17.12 -5.13 -34.31
C GLY D 95 -18.08 -4.44 -33.36
N GLY D 96 -17.54 -3.47 -32.64
CA GLY D 96 -18.31 -2.71 -31.68
C GLY D 96 -18.21 -1.23 -32.02
N SER D 97 -19.30 -0.50 -31.78
CA SER D 97 -19.27 0.94 -31.98
C SER D 97 -18.29 1.54 -30.99
N LEU D 98 -17.58 2.58 -31.43
CA LEU D 98 -16.64 3.23 -30.52
C LEU D 98 -17.37 3.75 -29.28
N TYR D 99 -18.60 4.24 -29.46
CA TYR D 99 -19.36 4.77 -28.33
C TYR D 99 -19.52 3.72 -27.25
N ASN D 100 -19.94 2.51 -27.64
CA ASN D 100 -20.20 1.44 -26.67
C ASN D 100 -18.91 0.91 -26.07
N VAL D 101 -17.80 0.89 -26.83
CA VAL D 101 -16.52 0.52 -26.24
C VAL D 101 -16.12 1.52 -25.16
N LEU D 102 -16.43 2.80 -25.39
CA LEU D 102 -16.01 3.80 -24.40
C LEU D 102 -16.94 3.81 -23.20
N HIS D 103 -18.25 3.79 -23.45
CA HIS D 103 -19.26 4.17 -22.49
C HIS D 103 -20.33 3.10 -22.28
N GLY D 104 -20.17 1.91 -22.87
CA GLY D 104 -21.22 0.92 -22.79
C GLY D 104 -21.40 0.23 -21.44
N ALA D 105 -22.08 -0.91 -21.47
CA ALA D 105 -22.49 -1.59 -20.25
C ALA D 105 -21.33 -2.24 -19.50
N GLU D 106 -21.41 -2.16 -18.19
CA GLU D 106 -21.03 -3.14 -17.18
C GLU D 106 -19.57 -3.60 -17.32
N PRO D 107 -19.17 -4.83 -17.88
CA PRO D 107 -17.74 -5.10 -18.07
C PRO D 107 -17.17 -4.56 -19.38
N LEU D 108 -16.38 -3.46 -19.34
CA LEU D 108 -15.86 -2.75 -20.50
C LEU D 108 -14.36 -3.02 -20.71
N PRO D 109 -13.90 -3.05 -21.95
CA PRO D 109 -12.49 -3.39 -22.20
C PRO D 109 -11.55 -2.31 -21.73
N TYR D 110 -10.37 -2.74 -21.27
CA TYR D 110 -9.27 -1.85 -20.93
C TYR D 110 -8.54 -1.41 -22.19
N TYR D 111 -8.17 -0.13 -22.27
CA TYR D 111 -7.43 0.37 -23.42
C TYR D 111 -6.41 1.38 -22.92
N THR D 112 -5.39 1.60 -23.75
CA THR D 112 -4.18 2.36 -23.44
C THR D 112 -4.14 3.69 -24.15
N ALA D 113 -3.25 4.56 -23.68
CA ALA D 113 -2.96 5.81 -24.38
C ALA D 113 -2.63 5.58 -25.84
N ALA D 114 -1.87 4.51 -26.13
CA ALA D 114 -1.57 4.18 -27.52
C ALA D 114 -2.85 3.90 -28.31
N HIS D 115 -3.78 3.17 -27.70
CA HIS D 115 -5.06 2.90 -28.38
C HIS D 115 -5.83 4.19 -28.63
N ALA D 116 -5.94 5.03 -27.60
CA ALA D 116 -6.65 6.30 -27.74
C ALA D 116 -6.11 7.12 -28.91
N MET D 117 -4.78 7.28 -28.93
CA MET D 117 -4.12 8.06 -29.96
C MET D 117 -4.30 7.43 -31.34
N SER D 118 -4.21 6.09 -31.41
CA SER D 118 -4.30 5.41 -32.70
C SER D 118 -5.71 5.52 -33.29
N TRP D 119 -6.74 5.32 -32.44
CA TRP D 119 -8.13 5.46 -32.88
C TRP D 119 -8.39 6.88 -33.39
N CYS D 120 -7.97 7.90 -32.62
CA CYS D 120 -8.20 9.27 -33.07
C CYS D 120 -7.46 9.55 -34.37
N LEU D 121 -6.24 9.02 -34.50
CA LEU D 121 -5.45 9.23 -35.71
C LEU D 121 -6.17 8.63 -36.92
N GLN D 122 -6.64 7.39 -36.80
CA GLN D 122 -7.32 6.75 -37.92
C GLN D 122 -8.60 7.49 -38.30
N CYS D 123 -9.34 7.97 -37.30
CA CYS D 123 -10.52 8.77 -37.60
C CYS D 123 -10.14 9.99 -38.43
N SER D 124 -9.10 10.71 -38.00
CA SER D 124 -8.66 11.89 -38.73
C SER D 124 -8.19 11.53 -40.14
N GLN D 125 -7.62 10.34 -40.32
CA GLN D 125 -7.19 9.99 -41.67
C GLN D 125 -8.39 9.77 -42.59
N GLY D 126 -9.42 9.08 -42.09
CA GLY D 126 -10.61 8.92 -42.91
C GLY D 126 -11.24 10.26 -43.26
N VAL D 127 -11.27 11.18 -42.30
CA VAL D 127 -11.92 12.46 -42.58
C VAL D 127 -11.05 13.31 -43.50
N ALA D 128 -9.71 13.26 -43.35
CA ALA D 128 -8.83 14.00 -44.27
C ALA D 128 -8.98 13.47 -45.68
N TYR D 129 -9.12 12.15 -45.84
CA TYR D 129 -9.48 11.61 -47.15
C TYR D 129 -10.75 12.23 -47.69
N LEU D 130 -11.81 12.26 -46.87
CA LEU D 130 -13.06 12.88 -47.31
C LEU D 130 -12.82 14.33 -47.73
N HIS D 131 -12.08 15.08 -46.91
CA HIS D 131 -11.83 16.51 -47.14
C HIS D 131 -11.09 16.73 -48.45
N SER D 132 -10.19 15.80 -48.82
CA SER D 132 -9.29 15.98 -49.95
C SER D 132 -9.92 15.73 -51.29
N MET D 133 -11.10 15.09 -51.32
CA MET D 133 -11.64 14.58 -52.56
C MET D 133 -11.75 15.65 -53.64
N GLN D 134 -11.49 15.23 -54.88
CA GLN D 134 -11.49 16.02 -56.09
C GLN D 134 -12.48 15.40 -57.08
N PRO D 135 -13.29 16.22 -57.79
CA PRO D 135 -13.33 17.70 -57.77
C PRO D 135 -13.96 18.32 -56.53
N LYS D 136 -14.94 17.69 -55.86
CA LYS D 136 -15.67 18.30 -54.75
C LYS D 136 -15.36 17.60 -53.43
N ALA D 137 -15.14 18.40 -52.38
CA ALA D 137 -14.94 17.88 -51.03
C ALA D 137 -16.19 17.22 -50.46
N LEU D 138 -16.00 16.16 -49.67
CA LEU D 138 -17.03 15.58 -48.82
C LEU D 138 -16.80 15.98 -47.37
N ILE D 139 -17.80 16.62 -46.75
CA ILE D 139 -17.77 16.96 -45.33
C ILE D 139 -18.55 15.88 -44.57
N HIS D 140 -18.04 15.46 -43.41
CA HIS D 140 -18.68 14.34 -42.74
C HIS D 140 -20.03 14.74 -42.16
N ARG D 141 -20.05 15.79 -41.31
CA ARG D 141 -21.22 16.49 -40.80
C ARG D 141 -21.83 15.81 -39.55
N ASP D 142 -21.36 14.65 -39.14
CA ASP D 142 -21.90 13.98 -37.95
C ASP D 142 -20.81 13.10 -37.34
N LEU D 143 -19.66 13.69 -37.05
CA LEU D 143 -18.56 12.93 -36.48
C LEU D 143 -18.78 12.76 -35.00
N LYS D 144 -18.90 11.52 -34.55
CA LYS D 144 -19.07 11.22 -33.13
C LYS D 144 -18.89 9.73 -32.95
N PRO D 145 -18.54 9.28 -31.74
CA PRO D 145 -18.19 7.88 -31.53
C PRO D 145 -19.29 6.91 -31.92
N PRO D 146 -20.59 7.25 -31.83
CA PRO D 146 -21.61 6.32 -32.35
C PRO D 146 -21.46 6.03 -33.82
N ASN D 147 -20.82 6.92 -34.58
CA ASN D 147 -20.63 6.75 -36.01
C ASN D 147 -19.26 6.20 -36.36
N LEU D 148 -18.49 5.74 -35.36
CA LEU D 148 -17.19 5.13 -35.59
C LEU D 148 -17.22 3.71 -35.03
N LEU D 149 -16.58 2.79 -35.74
CA LEU D 149 -16.65 1.36 -35.46
C LEU D 149 -15.24 0.84 -35.26
N LEU D 150 -15.05 0.07 -34.18
CA LEU D 150 -13.79 -0.63 -33.90
C LEU D 150 -13.86 -2.05 -34.42
N VAL D 151 -12.87 -2.42 -35.22
CA VAL D 151 -12.74 -3.75 -35.81
C VAL D 151 -11.35 -4.28 -35.48
N ALA D 152 -11.10 -5.53 -35.89
CA ALA D 152 -9.83 -6.22 -35.68
C ALA D 152 -9.42 -6.14 -34.21
N GLY D 153 -10.25 -6.73 -33.35
CA GLY D 153 -9.96 -6.73 -31.93
C GLY D 153 -9.82 -5.34 -31.35
N GLY D 154 -10.53 -4.36 -31.90
CA GLY D 154 -10.44 -3.03 -31.33
C GLY D 154 -9.23 -2.25 -31.76
N THR D 155 -8.59 -2.64 -32.86
CA THR D 155 -7.38 -1.95 -33.29
C THR D 155 -7.58 -1.08 -34.53
N VAL D 156 -8.54 -1.39 -35.39
CA VAL D 156 -8.78 -0.62 -36.60
C VAL D 156 -10.08 0.17 -36.43
N LEU D 157 -10.04 1.43 -36.81
CA LEU D 157 -11.21 2.29 -36.73
C LEU D 157 -11.76 2.56 -38.11
N LYS D 158 -13.09 2.56 -38.23
CA LYS D 158 -13.72 2.87 -39.50
C LYS D 158 -14.93 3.77 -39.27
N ILE D 159 -15.03 4.84 -40.06
CA ILE D 159 -16.29 5.57 -40.12
C ILE D 159 -17.36 4.66 -40.69
N CYS D 160 -18.48 4.51 -39.98
CA CYS D 160 -19.51 3.61 -40.49
C CYS D 160 -20.85 4.29 -40.76
N ASP D 161 -20.92 5.62 -40.68
CA ASP D 161 -22.13 6.37 -41.02
C ASP D 161 -21.70 7.79 -41.39
N PHE D 162 -22.52 8.44 -42.21
CA PHE D 162 -22.21 9.78 -42.69
C PHE D 162 -23.30 10.77 -42.30
N GLY D 163 -22.91 12.01 -42.02
CA GLY D 163 -23.91 13.05 -41.82
C GLY D 163 -24.60 13.35 -43.12
N THR D 164 -25.73 14.04 -43.05
CA THR D 164 -26.48 14.28 -44.28
C THR D 164 -26.87 15.73 -44.53
N ILE D 168 -28.60 21.65 -41.77
CA ILE D 168 -29.07 22.86 -41.09
C ILE D 168 -29.22 22.62 -39.60
N GLN D 169 -29.19 23.69 -38.79
CA GLN D 169 -29.58 23.56 -37.39
C GLN D 169 -31.04 23.09 -37.30
N THR D 170 -31.91 23.68 -38.11
CA THR D 170 -33.30 23.27 -38.05
C THR D 170 -33.45 21.85 -38.55
N HIS D 171 -32.68 21.48 -39.56
CA HIS D 171 -32.69 20.09 -40.03
C HIS D 171 -32.15 19.15 -38.96
N MET D 172 -31.05 19.54 -38.29
CA MET D 172 -30.47 18.69 -37.26
C MET D 172 -31.19 18.80 -35.94
N THR D 173 -32.36 19.43 -35.92
CA THR D 173 -33.01 19.62 -34.64
C THR D 173 -34.09 18.58 -34.41
N ASN D 174 -34.19 17.61 -35.34
CA ASN D 174 -35.11 16.47 -35.25
C ASN D 174 -34.24 15.23 -35.04
N ASN D 175 -34.19 14.78 -33.78
CA ASN D 175 -33.39 13.62 -33.32
C ASN D 175 -31.89 13.83 -33.46
N LYS D 176 -31.15 12.72 -33.47
CA LYS D 176 -29.71 12.60 -33.77
C LYS D 176 -28.87 12.75 -32.50
N GLY D 177 -29.13 13.73 -31.67
CA GLY D 177 -28.40 13.74 -30.42
C GLY D 177 -26.94 14.09 -30.57
N SER D 178 -26.59 14.91 -31.55
CA SER D 178 -25.19 15.21 -31.85
C SER D 178 -24.71 16.53 -31.23
N ALA D 179 -25.51 17.17 -30.37
CA ALA D 179 -25.15 18.51 -29.89
C ALA D 179 -23.79 18.51 -29.17
N ALA D 180 -23.46 17.43 -28.48
CA ALA D 180 -22.21 17.35 -27.74
C ALA D 180 -20.98 17.40 -28.64
N TRP D 181 -21.15 17.19 -29.95
CA TRP D 181 -20.03 17.17 -30.89
C TRP D 181 -20.14 18.24 -31.97
N MET D 182 -21.06 19.18 -31.81
CA MET D 182 -21.45 20.08 -32.90
C MET D 182 -20.78 21.43 -32.74
N ALA D 183 -20.08 21.87 -33.81
CA ALA D 183 -19.40 23.15 -33.79
C ALA D 183 -20.40 24.28 -33.61
N PRO D 184 -20.08 25.30 -32.79
CA PRO D 184 -21.10 26.32 -32.44
C PRO D 184 -21.62 27.12 -33.61
N GLU D 185 -20.81 27.27 -34.66
CA GLU D 185 -21.27 28.04 -35.79
C GLU D 185 -22.42 27.36 -36.50
N VAL D 186 -22.61 26.04 -36.30
CA VAL D 186 -23.77 25.37 -36.87
C VAL D 186 -25.04 25.81 -36.14
N PHE D 187 -24.99 25.84 -34.80
CA PHE D 187 -26.09 26.41 -34.03
C PHE D 187 -26.37 27.84 -34.46
N GLU D 188 -25.32 28.57 -34.84
CA GLU D 188 -25.51 29.97 -35.18
C GLU D 188 -26.08 30.17 -36.58
N GLY D 189 -25.94 29.21 -37.48
CA GLY D 189 -26.53 29.39 -38.79
C GLY D 189 -25.60 29.16 -39.97
N SER D 190 -24.31 28.95 -39.70
CA SER D 190 -23.38 28.78 -40.79
C SER D 190 -23.63 27.42 -41.43
N ASN D 191 -23.18 27.29 -42.67
CA ASN D 191 -23.24 26.01 -43.36
C ASN D 191 -22.13 25.11 -42.81
N TYR D 192 -22.36 23.80 -42.92
CA TYR D 192 -21.33 22.83 -42.55
C TYR D 192 -20.06 23.04 -43.36
N SER D 193 -18.93 22.93 -42.68
CA SER D 193 -17.63 23.11 -43.30
C SER D 193 -16.63 22.11 -42.73
N GLU D 194 -15.46 22.05 -43.37
CA GLU D 194 -14.38 21.19 -42.91
C GLU D 194 -13.99 21.47 -41.45
N LYS D 195 -13.97 22.75 -41.07
CA LYS D 195 -13.55 23.07 -39.71
C LYS D 195 -14.59 22.65 -38.66
N CYS D 196 -15.85 22.42 -39.07
CA CYS D 196 -16.83 21.84 -38.14
C CYS D 196 -16.45 20.41 -37.78
N ASP D 197 -16.12 19.61 -38.80
CA ASP D 197 -15.61 18.27 -38.57
C ASP D 197 -14.38 18.34 -37.67
N VAL D 198 -13.57 19.38 -37.82
CA VAL D 198 -12.39 19.49 -36.96
C VAL D 198 -12.80 19.69 -35.51
N PHE D 199 -13.82 20.53 -35.28
CA PHE D 199 -14.34 20.72 -33.92
C PHE D 199 -14.79 19.40 -33.30
N SER D 200 -15.61 18.65 -34.05
CA SER D 200 -16.04 17.34 -33.60
C SER D 200 -14.85 16.44 -33.28
N TRP D 201 -13.81 16.49 -34.11
CA TRP D 201 -12.65 15.64 -33.85
C TRP D 201 -11.98 16.00 -32.55
N GLY D 202 -11.85 17.29 -32.26
CA GLY D 202 -11.21 17.66 -31.00
C GLY D 202 -12.01 17.18 -29.81
N ILE D 203 -13.35 17.24 -29.93
CA ILE D 203 -14.20 16.73 -28.85
C ILE D 203 -13.97 15.23 -28.67
N ILE D 204 -13.96 14.49 -29.77
CA ILE D 204 -13.71 13.05 -29.71
C ILE D 204 -12.38 12.77 -29.02
N LEU D 205 -11.35 13.59 -29.29
CA LEU D 205 -10.05 13.39 -28.66
C LEU D 205 -10.14 13.51 -27.15
N TRP D 206 -10.78 14.58 -26.68
CA TRP D 206 -11.02 14.68 -25.23
C TRP D 206 -11.78 13.47 -24.70
N GLU D 207 -12.80 13.03 -25.44
CA GLU D 207 -13.67 11.95 -25.00
C GLU D 207 -12.89 10.65 -24.83
N VAL D 208 -12.04 10.33 -25.83
CA VAL D 208 -11.28 9.08 -25.79
C VAL D 208 -10.18 9.13 -24.74
N ILE D 209 -9.59 10.31 -24.50
CA ILE D 209 -8.53 10.40 -23.50
C ILE D 209 -9.09 10.26 -22.09
N THR D 210 -10.26 10.88 -21.81
CA THR D 210 -10.86 10.89 -20.46
C THR D 210 -11.83 9.74 -20.20
N ARG D 211 -12.28 9.04 -21.25
CA ARG D 211 -13.36 8.04 -21.15
C ARG D 211 -14.63 8.63 -20.52
N ARG D 212 -14.91 9.89 -20.81
CA ARG D 212 -16.10 10.55 -20.30
C ARG D 212 -17.00 10.99 -21.45
N LYS D 213 -18.29 11.11 -21.15
CA LYS D 213 -19.25 11.61 -22.13
C LYS D 213 -19.12 13.13 -22.15
N PRO D 214 -18.86 13.75 -23.30
CA PRO D 214 -18.69 15.21 -23.32
C PRO D 214 -19.97 15.94 -22.92
N PHE D 215 -19.79 16.99 -22.10
CA PHE D 215 -20.85 17.87 -21.60
C PHE D 215 -21.92 17.13 -20.79
N ASP D 216 -21.56 16.00 -20.17
CA ASP D 216 -22.56 15.23 -19.42
C ASP D 216 -23.13 16.01 -18.26
N GLU D 217 -22.36 16.94 -17.70
CA GLU D 217 -22.79 17.72 -16.55
C GLU D 217 -23.92 18.69 -16.87
N ILE D 218 -24.28 18.84 -18.14
CA ILE D 218 -25.36 19.73 -18.56
C ILE D 218 -26.56 18.85 -18.85
N GLY D 219 -27.60 18.96 -18.03
CA GLY D 219 -28.79 18.18 -18.31
C GLY D 219 -29.60 18.83 -19.41
N GLY D 220 -30.92 18.79 -19.31
CA GLY D 220 -31.77 19.42 -20.29
C GLY D 220 -31.59 18.85 -21.68
N PRO D 221 -32.43 19.29 -22.60
CA PRO D 221 -32.33 18.80 -23.99
C PRO D 221 -31.09 19.28 -24.73
N ALA D 222 -30.99 18.90 -26.01
CA ALA D 222 -29.84 19.28 -26.83
C ALA D 222 -29.58 20.77 -26.76
N PHE D 223 -30.64 21.57 -26.70
CA PHE D 223 -30.47 23.01 -26.76
C PHE D 223 -29.63 23.52 -25.61
N ARG D 224 -29.66 22.86 -24.45
CA ARG D 224 -28.85 23.34 -23.33
C ARG D 224 -27.38 23.19 -23.65
N ILE D 225 -27.02 22.07 -24.28
CA ILE D 225 -25.65 21.85 -24.70
C ILE D 225 -25.26 22.85 -25.77
N MET D 226 -26.12 23.05 -26.76
CA MET D 226 -25.79 23.95 -27.85
C MET D 226 -25.61 25.38 -27.37
N TRP D 227 -26.42 25.80 -26.39
CA TRP D 227 -26.26 27.13 -25.80
C TRP D 227 -24.97 27.25 -24.99
N ALA D 228 -24.65 26.23 -24.19
CA ALA D 228 -23.40 26.25 -23.42
C ALA D 228 -22.20 26.38 -24.35
N VAL D 229 -22.19 25.60 -25.44
CA VAL D 229 -21.04 25.61 -26.35
C VAL D 229 -20.99 26.92 -27.13
N HIS D 230 -22.14 27.44 -27.56
CA HIS D 230 -22.16 28.76 -28.19
C HIS D 230 -21.71 29.85 -27.21
N ASN D 231 -21.98 29.69 -25.92
CA ASN D 231 -21.48 30.60 -24.90
C ASN D 231 -20.01 30.33 -24.52
N GLY D 232 -19.36 29.35 -25.13
CA GLY D 232 -17.94 29.12 -24.92
C GLY D 232 -17.57 27.99 -23.98
N THR D 233 -18.52 27.39 -23.27
CA THR D 233 -18.20 26.27 -22.39
C THR D 233 -17.55 25.16 -23.21
N ARG D 234 -16.54 24.52 -22.62
CA ARG D 234 -15.83 23.46 -23.32
C ARG D 234 -15.61 22.34 -22.31
N PRO D 235 -15.23 21.14 -22.73
CA PRO D 235 -14.93 20.10 -21.75
C PRO D 235 -13.82 20.57 -20.82
N PRO D 236 -13.79 20.07 -19.58
CA PRO D 236 -12.74 20.48 -18.65
C PRO D 236 -11.37 20.00 -19.10
N LEU D 237 -10.35 20.74 -18.70
CA LEU D 237 -8.98 20.37 -19.03
C LEU D 237 -8.61 19.07 -18.32
N ILE D 238 -7.60 18.40 -18.86
CA ILE D 238 -7.21 17.07 -18.39
C ILE D 238 -5.90 17.20 -17.63
N LYS D 239 -5.92 16.82 -16.35
CA LYS D 239 -4.75 16.88 -15.49
C LYS D 239 -3.59 16.10 -16.11
N ASN D 240 -2.44 16.78 -16.22
CA ASN D 240 -1.19 16.16 -16.66
C ASN D 240 -1.24 15.73 -18.13
N LEU D 241 -2.04 16.41 -18.93
CA LEU D 241 -2.09 16.11 -20.36
C LEU D 241 -0.83 16.61 -21.07
N PRO D 242 -0.22 15.79 -21.93
CA PRO D 242 0.92 16.25 -22.72
C PRO D 242 0.61 17.52 -23.53
N LYS D 243 1.48 18.52 -23.39
CA LYS D 243 1.25 19.83 -23.99
C LYS D 243 1.06 19.86 -25.50
N PRO D 244 1.77 19.08 -26.32
CA PRO D 244 1.42 19.03 -27.75
C PRO D 244 -0.03 18.62 -27.99
N ILE D 245 -0.49 17.61 -27.24
CA ILE D 245 -1.87 17.13 -27.36
C ILE D 245 -2.84 18.17 -26.81
N GLU D 246 -2.54 18.74 -25.64
CA GLU D 246 -3.41 19.77 -25.09
C GLU D 246 -3.60 20.90 -26.09
N SER D 247 -2.52 21.29 -26.77
CA SER D 247 -2.63 22.37 -27.74
C SER D 247 -3.47 21.94 -28.94
N LEU D 248 -3.20 20.76 -29.51
CA LEU D 248 -4.00 20.33 -30.65
C LEU D 248 -5.48 20.28 -30.29
N MET D 249 -5.78 19.69 -29.13
CA MET D 249 -7.15 19.56 -28.67
C MET D 249 -7.83 20.93 -28.60
N THR D 250 -7.22 21.87 -27.87
CA THR D 250 -7.90 23.16 -27.69
C THR D 250 -7.93 23.99 -28.97
N ARG D 251 -6.96 23.82 -29.87
CA ARG D 251 -7.05 24.51 -31.16
C ARG D 251 -8.23 23.98 -31.97
N CYS D 252 -8.52 22.68 -31.88
CA CYS D 252 -9.72 22.16 -32.52
C CYS D 252 -11.00 22.74 -31.88
N TRP D 253 -10.94 23.12 -30.61
CA TRP D 253 -12.10 23.65 -29.89
C TRP D 253 -12.38 25.09 -30.24
N SER D 254 -11.55 25.71 -31.08
CA SER D 254 -11.58 27.17 -31.22
C SER D 254 -12.96 27.64 -31.67
N LYS D 255 -13.45 28.70 -31.00
CA LYS D 255 -14.65 29.38 -31.48
C LYS D 255 -14.50 29.82 -32.93
N ASP D 256 -13.32 30.35 -33.30
CA ASP D 256 -13.06 30.81 -34.67
C ASP D 256 -12.64 29.63 -35.55
N PRO D 257 -13.44 29.26 -36.55
CA PRO D 257 -13.06 28.11 -37.38
C PRO D 257 -11.69 28.27 -38.02
N SER D 258 -11.28 29.52 -38.33
CA SER D 258 -9.99 29.74 -38.98
C SER D 258 -8.81 29.41 -38.05
N GLN D 259 -8.99 29.59 -36.74
CA GLN D 259 -7.97 29.21 -35.76
C GLN D 259 -7.97 27.70 -35.47
N ARG D 260 -8.72 26.89 -36.24
CA ARG D 260 -8.71 25.45 -36.07
C ARG D 260 -7.83 24.81 -37.13
N PRO D 261 -7.01 23.82 -36.78
CA PRO D 261 -6.17 23.15 -37.79
C PRO D 261 -7.01 22.53 -38.90
N SER D 262 -6.34 22.16 -39.97
CA SER D 262 -7.02 21.39 -40.99
C SER D 262 -6.92 19.92 -40.62
N MET D 263 -7.78 19.12 -41.24
CA MET D 263 -7.73 17.69 -41.01
C MET D 263 -6.38 17.12 -41.46
N GLU D 264 -5.78 17.73 -42.50
CA GLU D 264 -4.45 17.33 -42.93
C GLU D 264 -3.39 17.67 -41.88
N GLU D 265 -3.48 18.87 -41.29
CA GLU D 265 -2.58 19.24 -40.20
C GLU D 265 -2.75 18.32 -39.00
N ILE D 266 -4.01 17.97 -38.67
CA ILE D 266 -4.26 17.06 -37.54
C ILE D 266 -3.62 15.72 -37.81
N VAL D 267 -3.83 15.16 -39.01
CA VAL D 267 -3.22 13.88 -39.35
C VAL D 267 -1.71 13.95 -39.20
N LYS D 268 -1.11 15.05 -39.66
CA LYS D 268 0.35 15.14 -39.60
C LYS D 268 0.84 15.15 -38.15
N ILE D 269 0.24 15.99 -37.31
CA ILE D 269 0.70 16.04 -35.92
C ILE D 269 0.50 14.69 -35.24
N MET D 270 -0.65 14.03 -35.48
CA MET D 270 -0.95 12.78 -34.81
C MET D 270 0.01 11.68 -35.26
N THR D 271 0.32 11.67 -36.57
CA THR D 271 1.29 10.72 -37.09
C THR D 271 2.64 10.93 -36.43
N HIS D 272 3.06 12.19 -36.27
CA HIS D 272 4.32 12.46 -35.58
C HIS D 272 4.30 11.89 -34.17
N LEU D 273 3.31 12.30 -33.35
CA LEU D 273 3.32 11.89 -31.96
C LEU D 273 3.18 10.39 -31.78
N MET D 274 2.68 9.68 -32.80
CA MET D 274 2.56 8.23 -32.66
C MET D 274 3.87 7.54 -32.30
N ARG D 275 5.01 8.22 -32.48
CA ARG D 275 6.29 7.60 -32.13
C ARG D 275 6.39 7.33 -30.64
N TYR D 276 5.76 8.16 -29.81
CA TYR D 276 5.78 7.99 -28.36
C TYR D 276 4.61 7.19 -27.82
N PHE D 277 3.88 6.50 -28.70
CA PHE D 277 2.74 5.65 -28.35
C PHE D 277 2.90 4.33 -29.10
N PRO D 278 3.85 3.49 -28.70
CA PRO D 278 3.94 2.15 -29.29
C PRO D 278 2.91 1.22 -28.64
N GLY D 279 2.56 0.17 -29.39
CA GLY D 279 1.71 -0.88 -28.87
C GLY D 279 0.24 -0.75 -29.20
N ALA D 280 -0.14 0.26 -29.97
CA ALA D 280 -1.53 0.38 -30.41
C ALA D 280 -1.98 -0.78 -31.30
N ASP D 281 -1.07 -1.65 -31.75
CA ASP D 281 -1.46 -2.80 -32.55
C ASP D 281 -1.77 -4.02 -31.70
N GLU D 282 -1.64 -3.91 -30.37
CA GLU D 282 -2.01 -4.98 -29.43
C GLU D 282 -3.53 -5.03 -29.28
N PRO D 283 -4.17 -6.17 -29.51
CA PRO D 283 -5.63 -6.24 -29.37
C PRO D 283 -6.08 -5.94 -27.95
N LEU D 284 -7.32 -5.48 -27.84
CA LEU D 284 -7.99 -5.38 -26.55
C LEU D 284 -8.28 -6.78 -26.03
N GLN D 285 -8.04 -7.00 -24.73
CA GLN D 285 -8.15 -8.37 -24.25
C GLN D 285 -8.63 -8.43 -22.80
N TYR D 286 -8.35 -7.41 -22.04
CA TYR D 286 -8.71 -7.51 -20.64
C TYR D 286 -9.86 -6.56 -20.35
N PRO D 287 -10.69 -6.88 -19.37
CA PRO D 287 -11.70 -5.92 -18.89
C PRO D 287 -11.07 -4.90 -17.95
N CYS D 288 -11.84 -3.87 -17.63
CA CYS D 288 -11.28 -2.68 -17.00
C CYS D 288 -11.83 -2.48 -15.60
N GLN D 289 -10.93 -2.09 -14.68
CA GLN D 289 -11.26 -1.78 -13.29
C GLN D 289 -11.31 -0.26 -13.01
N GLY D 298 -10.40 21.68 -10.10
CA GLY D 298 -11.61 21.71 -10.91
C GLY D 298 -11.54 20.90 -12.21
N ARG D 299 -10.31 20.57 -12.64
CA ARG D 299 -10.09 19.79 -13.85
C ARG D 299 -10.42 18.31 -13.61
N VAL D 300 -10.20 17.48 -14.62
CA VAL D 300 -10.48 16.05 -14.52
C VAL D 300 -9.31 15.21 -15.03
N GLU D 301 -9.14 14.03 -14.43
CA GLU D 301 -8.03 13.12 -14.75
C GLU D 301 -8.27 12.29 -16.01
N PRO D 302 -7.20 11.91 -16.71
CA PRO D 302 -7.36 11.08 -17.91
C PRO D 302 -7.63 9.63 -17.53
N TYR D 303 -8.30 8.92 -18.43
CA TYR D 303 -8.42 7.48 -18.25
C TYR D 303 -7.10 6.77 -18.56
N VAL D 304 -6.47 7.12 -19.67
CA VAL D 304 -5.24 6.48 -20.11
C VAL D 304 -4.04 7.02 -19.33
N ASP D 305 -2.89 6.33 -19.46
CA ASP D 305 -1.67 6.66 -18.72
C ASP D 305 -0.61 7.12 -19.70
N PHE D 306 -0.10 8.33 -19.48
CA PHE D 306 0.89 8.96 -20.34
C PHE D 306 2.34 8.77 -19.84
N ALA D 307 2.55 7.94 -18.81
CA ALA D 307 3.90 7.79 -18.25
C ALA D 307 4.88 7.32 -19.32
N GLU D 308 4.50 6.26 -20.06
CA GLU D 308 5.36 5.78 -21.14
C GLU D 308 5.56 6.85 -22.19
N PHE D 309 4.55 7.67 -22.44
CA PHE D 309 4.74 8.78 -23.37
C PHE D 309 5.82 9.72 -22.86
N TYR D 310 5.74 10.11 -21.58
CA TYR D 310 6.70 11.07 -21.04
C TYR D 310 8.12 10.51 -21.05
N ARG D 311 8.29 9.22 -20.70
CA ARG D 311 9.60 8.60 -20.75
C ARG D 311 10.17 8.56 -22.17
N LEU D 312 9.40 8.07 -23.15
CA LEU D 312 9.90 8.01 -24.52
C LEU D 312 10.16 9.40 -25.09
N TRP D 313 9.38 10.39 -24.65
CA TRP D 313 9.54 11.77 -25.07
C TRP D 313 10.83 12.37 -24.52
N SER D 314 11.15 12.06 -23.25
CA SER D 314 12.41 12.51 -22.68
C SER D 314 13.59 11.84 -23.36
N VAL D 315 13.48 10.53 -23.64
CA VAL D 315 14.51 9.82 -24.39
C VAL D 315 14.76 10.51 -25.73
N ASP D 316 13.71 11.07 -26.34
CA ASP D 316 13.89 11.76 -27.62
C ASP D 316 14.56 13.14 -27.48
N HIS D 317 14.48 13.77 -26.32
CA HIS D 317 14.97 15.15 -26.16
C HIS D 317 15.94 15.26 -24.99
#